data_6LCF
#
_entry.id   6LCF
#
_cell.length_a   69.353
_cell.length_b   52.957
_cell.length_c   102.766
_cell.angle_alpha   90.000
_cell.angle_beta   99.700
_cell.angle_gamma   90.000
#
_symmetry.space_group_name_H-M   'P 1 21 1'
#
loop_
_entity.id
_entity.type
_entity.pdbx_description
1 polymer 'ABC transporter substrate binding component'
2 branched beta-L-arabinofuranose-(1-2)-beta-L-arabinofuranose
3 water water
#
_entity_poly.entity_id   1
_entity_poly.type   'polypeptide(L)'
_entity_poly.pdbx_seq_one_letter_code
;MGHHHHHHHHHHSSGHIEGRHMGSGNGGTATAEGIPAKGTDDGTEITLWTRSPLERQAKNVVEAYNKSHKNQVKLEIIPN
DDMEGKVGGASQTDSLPDILAGDVVRIPYWASEGIFTDITKQIDGLDNKADLQQGHIEAGTVDGAEYTLPFITDVSVMVW
NKNLYKEAGLDPEQGPKSIDQFVEQAKKVAALNKDGVAGSYLAGQSGGALVFDLFPSVWADGESVMNKDGSEATLDNDSM
KGVLDAYKELANTTNGLGAGSKEETGATWTAPFANGKIGVMPYPNTSTTALFDAEKDGGFEVGVAPIPGTKEGKTSTFLG
GDAMGISKDSKHVAQAWNFLYWLMQSDAQKEVFADQGDTASNIQTLKTAYKDADPRIQTINSVIIDGNGQTPKSPAFNEA
FNAAGSPWQLLVQNAVWGSGDLKADNKAVTDVLSAQ
;
_entity_poly.pdbx_strand_id   A,B
#
loop_
_chem_comp.id
_chem_comp.type
_chem_comp.name
_chem_comp.formula
FUB L-saccharide, beta linking beta-L-arabinofuranose 'C5 H10 O5'
#
# COMPACT_ATOMS: atom_id res chain seq x y z
N GLY A 34 3.06 -9.12 4.71
CA GLY A 34 4.10 -9.40 5.72
C GLY A 34 4.20 -10.89 5.92
N ILE A 35 3.05 -11.46 6.23
CA ILE A 35 2.54 -12.67 5.55
C ILE A 35 1.23 -12.18 4.90
N PRO A 36 0.13 -11.70 5.52
CA PRO A 36 -1.01 -11.21 4.72
C PRO A 36 -0.75 -9.92 3.93
N ALA A 37 -1.43 -9.77 2.77
CA ALA A 37 -1.26 -8.66 1.79
C ALA A 37 -1.11 -7.30 2.49
N LYS A 38 -2.07 -6.96 3.37
CA LYS A 38 -2.15 -5.65 4.08
C LYS A 38 -1.81 -5.86 5.56
N GLY A 39 -1.24 -7.02 5.87
CA GLY A 39 -0.80 -7.38 7.23
C GLY A 39 -1.99 -7.66 8.10
N THR A 40 -1.74 -7.74 9.40
CA THR A 40 -2.74 -8.12 10.41
C THR A 40 -2.92 -6.97 11.38
N ASP A 41 -4.17 -6.57 11.56
CA ASP A 41 -4.60 -5.58 12.56
C ASP A 41 -5.43 -6.34 13.59
N ASP A 42 -4.82 -6.74 14.72
CA ASP A 42 -5.47 -7.67 15.67
C ASP A 42 -5.30 -7.19 17.12
N GLY A 43 -4.82 -5.97 17.37
CA GLY A 43 -4.63 -5.42 18.73
C GLY A 43 -3.24 -5.68 19.30
N THR A 44 -2.27 -6.05 18.47
CA THR A 44 -0.86 -6.27 18.88
C THR A 44 -0.21 -4.90 19.19
N GLU A 45 0.57 -4.84 20.25
CA GLU A 45 1.41 -3.66 20.53
C GLU A 45 2.69 -3.85 19.73
N ILE A 46 2.99 -2.92 18.83
CA ILE A 46 4.16 -2.88 17.90
C ILE A 46 5.11 -1.82 18.45
N THR A 47 6.40 -2.09 18.59
CA THR A 47 7.39 -1.06 18.98
C THR A 47 7.94 -0.40 17.70
N LEU A 48 8.19 0.91 17.75
CA LEU A 48 8.80 1.69 16.64
C LEU A 48 9.82 2.65 17.25
N TRP A 49 11.06 2.59 16.76
CA TRP A 49 12.15 3.53 17.11
C TRP A 49 12.36 4.53 15.97
N THR A 50 12.48 5.79 16.30
CA THR A 50 12.97 6.82 15.34
C THR A 50 13.72 7.86 16.14
N ARG A 51 14.02 9.00 15.54
CA ARG A 51 14.97 9.98 16.11
C ARG A 51 14.34 11.35 16.33
N SER A 52 14.84 12.06 17.35
CA SER A 52 14.37 13.39 17.84
C SER A 52 14.18 14.45 16.76
N PRO A 53 15.10 14.63 15.79
CA PRO A 53 14.88 15.60 14.71
C PRO A 53 13.53 15.40 13.98
N LEU A 54 13.00 14.17 13.97
CA LEU A 54 11.75 13.84 13.21
C LEU A 54 10.55 13.70 14.14
N GLU A 55 10.64 14.22 15.37
CA GLU A 55 9.71 13.94 16.50
C GLU A 55 8.32 14.45 16.11
N ARG A 56 8.22 15.65 15.54
CA ARG A 56 6.87 16.20 15.24
C ARG A 56 6.17 15.23 14.28
N GLN A 57 6.88 14.80 13.23
CA GLN A 57 6.22 14.01 12.16
C GLN A 57 5.93 12.61 12.70
N ALA A 58 6.88 12.01 13.44
CA ALA A 58 6.70 10.69 14.06
C ALA A 58 5.42 10.66 14.93
N LYS A 59 5.22 11.68 15.75
CA LYS A 59 4.01 11.84 16.62
C LYS A 59 2.71 11.82 15.79
N ASN A 60 2.67 12.60 14.72
CA ASN A 60 1.50 12.70 13.82
C ASN A 60 1.22 11.31 13.24
N VAL A 61 2.24 10.62 12.77
CA VAL A 61 2.05 9.31 12.09
C VAL A 61 1.49 8.33 13.12
N VAL A 62 2.12 8.25 14.28
CA VAL A 62 1.73 7.23 15.27
C VAL A 62 0.35 7.56 15.83
N GLU A 63 0.06 8.83 16.09
CA GLU A 63 -1.27 9.25 16.61
C GLU A 63 -2.34 8.79 15.62
N ALA A 64 -2.11 8.97 14.30
CA ALA A 64 -3.11 8.66 13.26
C ALA A 64 -3.28 7.14 13.17
N TYR A 65 -2.17 6.38 13.23
CA TYR A 65 -2.22 4.90 13.13
C TYR A 65 -3.05 4.38 14.30
N ASN A 66 -2.71 4.85 15.51
CA ASN A 66 -3.27 4.36 16.77
C ASN A 66 -4.75 4.74 16.88
N LYS A 67 -5.18 5.81 16.22
CA LYS A 67 -6.61 6.21 16.21
C LYS A 67 -7.44 5.38 15.23
N SER A 68 -6.82 4.66 14.29
CA SER A 68 -7.53 3.99 13.16
C SER A 68 -7.31 2.47 13.16
N HIS A 69 -6.52 1.94 14.10
CA HIS A 69 -6.16 0.50 14.16
C HIS A 69 -6.41 -0.06 15.56
N LYS A 70 -6.66 -1.36 15.63
CA LYS A 70 -6.69 -2.17 16.87
C LYS A 70 -5.26 -2.27 17.39
N ASN A 71 -4.33 -2.68 16.53
CA ASN A 71 -2.87 -2.58 16.79
C ASN A 71 -2.55 -1.21 17.34
N GLN A 72 -1.57 -1.12 18.23
CA GLN A 72 -1.10 0.18 18.78
C GLN A 72 0.41 0.20 18.69
N VAL A 73 0.94 1.30 18.17
CA VAL A 73 2.42 1.48 18.12
C VAL A 73 2.84 2.17 19.42
N LYS A 74 3.80 1.54 20.11
CA LYS A 74 4.56 2.06 21.26
C LYS A 74 5.81 2.78 20.71
N LEU A 75 5.76 4.10 20.64
CA LEU A 75 6.80 4.96 20.00
C LEU A 75 7.92 5.31 20.99
N GLU A 76 9.18 5.08 20.57
CA GLU A 76 10.39 5.62 21.24
C GLU A 76 11.06 6.62 20.30
N ILE A 77 11.26 7.86 20.76
CA ILE A 77 11.99 8.91 20.01
C ILE A 77 13.35 9.07 20.68
N ILE A 78 14.40 8.81 19.91
CA ILE A 78 15.81 8.63 20.39
C ILE A 78 16.67 9.78 19.86
N PRO A 79 17.56 10.38 20.67
CA PRO A 79 18.43 11.44 20.18
C PRO A 79 19.21 10.95 18.95
N ASN A 80 19.35 11.84 17.97
CA ASN A 80 20.01 11.59 16.68
C ASN A 80 21.30 10.78 16.90
N ASP A 81 22.17 11.24 17.81
CA ASP A 81 23.56 10.69 17.91
C ASP A 81 23.53 9.39 18.71
N ASP A 82 22.39 8.97 19.26
CA ASP A 82 22.30 7.74 20.11
C ASP A 82 21.84 6.52 19.30
N MET A 83 21.36 6.68 18.07
CA MET A 83 20.75 5.57 17.28
C MET A 83 21.78 4.46 16.96
N GLU A 84 22.99 4.80 16.50
CA GLU A 84 24.01 3.77 16.16
C GLU A 84 24.21 2.85 17.37
N GLY A 85 24.60 3.39 18.52
CA GLY A 85 24.93 2.62 19.73
C GLY A 85 23.71 1.88 20.25
N LYS A 86 22.53 2.51 20.17
CA LYS A 86 21.28 1.86 20.63
C LYS A 86 20.93 0.65 19.75
N VAL A 87 21.00 0.83 18.43
CA VAL A 87 20.70 -0.24 17.43
C VAL A 87 21.76 -1.35 17.54
N GLY A 88 23.05 -0.99 17.60
CA GLY A 88 24.14 -1.96 17.72
C GLY A 88 23.96 -2.82 18.97
N GLY A 89 23.74 -2.18 20.13
CA GLY A 89 23.52 -2.87 21.42
C GLY A 89 22.32 -3.80 21.35
N ALA A 90 21.20 -3.33 20.78
CA ALA A 90 19.93 -4.08 20.71
C ALA A 90 20.10 -5.25 19.74
N SER A 91 20.89 -5.06 18.69
CA SER A 91 21.16 -6.14 17.73
C SER A 91 21.83 -7.32 18.47
N GLN A 92 22.73 -7.01 19.40
CA GLN A 92 23.52 -8.03 20.12
C GLN A 92 22.69 -8.77 21.16
N THR A 93 21.64 -8.13 21.70
CA THR A 93 20.76 -8.74 22.73
C THR A 93 19.41 -9.11 22.09
N ASP A 94 19.35 -9.06 20.76
CA ASP A 94 18.14 -9.36 19.95
C ASP A 94 16.91 -8.71 20.58
N SER A 95 17.03 -7.45 20.96
CA SER A 95 15.91 -6.65 21.52
C SER A 95 15.62 -5.45 20.61
N LEU A 96 15.97 -5.54 19.32
CA LEU A 96 15.51 -4.54 18.34
C LEU A 96 13.99 -4.48 18.35
N PRO A 97 13.40 -3.31 18.08
CA PRO A 97 11.95 -3.16 18.07
C PRO A 97 11.33 -3.81 16.82
N ASP A 98 10.00 -3.89 16.81
CA ASP A 98 9.27 -4.43 15.62
C ASP A 98 9.63 -3.59 14.39
N ILE A 99 9.53 -2.28 14.53
CA ILE A 99 9.80 -1.36 13.40
C ILE A 99 10.97 -0.46 13.79
N LEU A 100 12.06 -0.52 13.02
CA LEU A 100 13.21 0.38 13.21
C LEU A 100 13.25 1.36 12.04
N ALA A 101 13.13 2.64 12.35
CA ALA A 101 13.37 3.74 11.40
C ALA A 101 14.79 4.24 11.63
N GLY A 102 15.56 4.41 10.55
CA GLY A 102 16.92 4.93 10.65
C GLY A 102 17.17 5.95 9.58
N ASP A 103 18.07 6.88 9.86
CA ASP A 103 18.53 7.87 8.86
C ASP A 103 18.88 7.13 7.56
N VAL A 104 18.38 7.59 6.43
CA VAL A 104 18.60 6.92 5.13
C VAL A 104 20.10 6.73 4.87
N VAL A 105 20.97 7.58 5.43
CA VAL A 105 22.44 7.44 5.19
C VAL A 105 22.98 6.30 6.06
N ARG A 106 22.26 5.84 7.11
CA ARG A 106 22.72 4.79 8.06
C ARG A 106 22.27 3.40 7.60
N ILE A 107 21.18 3.36 6.83
CA ILE A 107 20.43 2.12 6.48
C ILE A 107 21.34 1.19 5.68
N PRO A 108 22.12 1.64 4.67
CA PRO A 108 22.91 0.70 3.87
C PRO A 108 23.78 -0.18 4.77
N TYR A 109 24.43 0.41 5.77
CA TYR A 109 25.22 -0.36 6.74
C TYR A 109 24.35 -1.31 7.56
N TRP A 110 23.29 -0.82 8.20
CA TRP A 110 22.43 -1.67 9.06
C TRP A 110 21.87 -2.83 8.24
N ALA A 111 21.42 -2.57 7.02
CA ALA A 111 20.82 -3.59 6.12
C ALA A 111 21.87 -4.65 5.78
N SER A 112 23.11 -4.23 5.54
CA SER A 112 24.25 -5.15 5.27
C SER A 112 24.57 -6.02 6.49
N GLU A 113 24.23 -5.57 7.70
CA GLU A 113 24.49 -6.32 8.97
C GLU A 113 23.34 -7.27 9.34
N GLY A 114 22.26 -7.33 8.57
CA GLY A 114 21.11 -8.19 8.88
C GLY A 114 20.24 -7.61 9.97
N ILE A 115 20.27 -6.29 10.20
CA ILE A 115 19.44 -5.62 11.25
C ILE A 115 17.94 -5.83 10.90
N PHE A 116 17.63 -5.89 9.61
CA PHE A 116 16.25 -5.93 9.07
C PHE A 116 15.88 -7.32 8.54
N THR A 117 14.61 -7.69 8.72
CA THR A 117 13.95 -8.83 8.00
C THR A 117 13.79 -8.50 6.51
N ASP A 118 14.06 -9.49 5.66
CA ASP A 118 13.94 -9.38 4.18
C ASP A 118 12.46 -9.21 3.85
N ILE A 119 12.05 -8.10 3.27
CA ILE A 119 10.62 -7.82 2.92
C ILE A 119 10.50 -7.51 1.44
N THR A 120 11.44 -8.04 0.64
CA THR A 120 11.47 -7.90 -0.84
C THR A 120 10.10 -8.16 -1.47
N LYS A 121 9.51 -9.31 -1.16
CA LYS A 121 8.22 -9.75 -1.79
C LYS A 121 7.08 -8.80 -1.41
N GLN A 122 7.10 -8.27 -0.18
CA GLN A 122 6.05 -7.36 0.34
C GLN A 122 6.21 -6.00 -0.31
N ILE A 123 7.46 -5.50 -0.40
CA ILE A 123 7.69 -4.18 -1.04
C ILE A 123 7.34 -4.34 -2.53
N ASP A 124 7.67 -5.47 -3.12
CA ASP A 124 7.53 -5.68 -4.59
C ASP A 124 6.06 -5.84 -4.94
N GLY A 125 5.22 -6.19 -3.97
CA GLY A 125 3.76 -6.34 -4.15
C GLY A 125 3.01 -5.03 -3.99
N LEU A 126 3.65 -3.96 -3.49
CA LEU A 126 2.98 -2.64 -3.35
C LEU A 126 2.57 -2.13 -4.73
N ASP A 127 1.29 -1.83 -4.94
CA ASP A 127 0.77 -1.34 -6.25
C ASP A 127 1.47 -0.02 -6.60
N ASN A 128 1.83 0.79 -5.60
CA ASN A 128 2.21 2.21 -5.82
C ASN A 128 3.71 2.37 -5.52
N LYS A 129 4.47 1.30 -5.70
CA LYS A 129 5.89 1.26 -5.33
C LYS A 129 6.59 2.44 -6.00
N ALA A 130 6.24 2.75 -7.25
CA ALA A 130 6.94 3.76 -8.05
C ALA A 130 6.67 5.16 -7.49
N ASP A 131 5.56 5.36 -6.76
CA ASP A 131 5.23 6.65 -6.09
C ASP A 131 6.03 6.89 -4.80
N LEU A 132 6.70 5.87 -4.26
CA LEU A 132 7.38 5.96 -2.95
C LEU A 132 8.80 6.51 -3.13
N GLN A 133 9.19 7.35 -2.20
CA GLN A 133 10.48 8.08 -2.25
C GLN A 133 11.59 7.05 -2.49
N GLN A 134 12.21 7.04 -3.67
CA GLN A 134 13.05 5.91 -4.14
C GLN A 134 14.34 5.84 -3.31
N GLY A 135 14.91 6.96 -2.89
CA GLY A 135 16.18 6.99 -2.12
C GLY A 135 16.11 6.12 -0.87
N HIS A 136 14.92 6.02 -0.27
CA HIS A 136 14.65 5.30 1.01
C HIS A 136 14.59 3.80 0.73
N ILE A 137 14.06 3.41 -0.43
CA ILE A 137 14.00 1.99 -0.84
C ILE A 137 15.41 1.55 -1.27
N GLU A 138 16.07 2.40 -2.06
CA GLU A 138 17.45 2.17 -2.55
C GLU A 138 18.38 2.07 -1.33
N ALA A 139 18.15 2.82 -0.26
CA ALA A 139 19.04 2.81 0.94
C ALA A 139 19.07 1.39 1.53
N GLY A 140 17.93 0.70 1.48
CA GLY A 140 17.71 -0.62 2.08
C GLY A 140 17.83 -1.74 1.07
N THR A 141 18.37 -1.47 -0.11
CA THR A 141 18.56 -2.51 -1.16
C THR A 141 20.02 -2.99 -1.06
N VAL A 142 20.19 -4.27 -0.75
CA VAL A 142 21.51 -4.96 -0.66
C VAL A 142 21.34 -6.36 -1.25
N ASP A 143 22.08 -6.68 -2.32
CA ASP A 143 22.20 -8.04 -2.89
C ASP A 143 20.83 -8.53 -3.36
N GLY A 144 20.06 -7.68 -4.04
CA GLY A 144 18.73 -8.07 -4.56
C GLY A 144 17.64 -8.02 -3.49
N ALA A 145 17.99 -8.08 -2.20
CA ALA A 145 17.00 -8.01 -1.11
C ALA A 145 16.65 -6.53 -0.82
N GLU A 146 15.37 -6.24 -0.54
CA GLU A 146 14.94 -4.89 -0.09
C GLU A 146 14.47 -4.98 1.37
N TYR A 147 14.93 -4.05 2.21
CA TYR A 147 14.65 -4.08 3.67
C TYR A 147 13.85 -2.87 4.13
N THR A 148 13.77 -1.80 3.36
CA THR A 148 13.17 -0.56 3.91
C THR A 148 12.21 0.11 2.92
N LEU A 149 11.30 0.87 3.53
CA LEU A 149 10.40 1.86 2.88
C LEU A 149 10.65 3.21 3.52
N PRO A 150 10.22 4.31 2.87
CA PRO A 150 10.23 5.62 3.50
C PRO A 150 9.34 5.66 4.74
N PHE A 151 9.85 6.25 5.80
CA PHE A 151 9.10 6.57 7.05
C PHE A 151 8.79 8.05 7.04
N ILE A 152 9.80 8.89 7.15
CA ILE A 152 9.61 10.36 7.15
C ILE A 152 10.62 10.99 6.20
N THR A 153 10.15 11.74 5.21
CA THR A 153 11.03 12.48 4.29
C THR A 153 11.58 13.71 5.02
N ASP A 154 12.90 13.96 4.96
CA ASP A 154 13.54 15.16 5.57
C ASP A 154 14.44 15.75 4.50
N VAL A 155 14.07 16.90 3.96
CA VAL A 155 14.87 17.51 2.83
C VAL A 155 15.41 18.84 3.32
N SER A 156 16.56 19.21 2.80
CA SER A 156 17.24 20.47 3.20
C SER A 156 16.76 21.57 2.26
N VAL A 157 16.41 22.72 2.84
CA VAL A 157 15.93 23.91 2.09
C VAL A 157 16.64 25.14 2.65
N MET A 158 16.59 26.27 1.94
CA MET A 158 17.09 27.55 2.48
C MET A 158 15.93 28.26 3.16
N VAL A 159 16.15 28.74 4.39
CA VAL A 159 15.19 29.58 5.13
C VAL A 159 15.86 30.93 5.40
N TRP A 160 15.09 32.01 5.39
CA TRP A 160 15.62 33.32 5.83
C TRP A 160 14.54 34.02 6.65
N ASN A 161 15.00 34.97 7.44
CA ASN A 161 14.19 35.78 8.34
C ASN A 161 13.87 37.07 7.58
N LYS A 162 12.59 37.22 7.22
CA LYS A 162 12.09 38.34 6.39
C LYS A 162 12.18 39.64 7.19
N ASN A 163 11.94 39.58 8.52
CA ASN A 163 12.04 40.77 9.40
C ASN A 163 13.48 41.26 9.38
N LEU A 164 14.46 40.38 9.60
CA LEU A 164 15.90 40.80 9.54
C LEU A 164 16.24 41.29 8.12
N TYR A 165 15.75 40.63 7.08
CA TYR A 165 15.99 41.09 5.68
C TYR A 165 15.47 42.52 5.51
N LYS A 166 14.24 42.83 5.95
CA LYS A 166 13.66 44.19 5.79
C LYS A 166 14.57 45.15 6.58
N GLU A 167 14.93 44.80 7.81
CA GLU A 167 15.79 45.66 8.68
C GLU A 167 17.15 45.90 8.01
N ALA A 168 17.68 44.93 7.26
CA ALA A 168 19.00 45.04 6.59
C ALA A 168 18.90 45.75 5.23
N GLY A 169 17.72 46.16 4.77
CA GLY A 169 17.56 46.76 3.43
C GLY A 169 17.54 45.74 2.30
N LEU A 170 17.41 44.43 2.58
CA LEU A 170 17.27 43.34 1.57
C LEU A 170 15.80 43.23 1.15
N ASP A 171 15.53 42.81 -0.09
CA ASP A 171 14.16 42.43 -0.53
C ASP A 171 13.77 41.19 0.25
N PRO A 172 12.71 41.26 1.09
CA PRO A 172 12.33 40.15 1.97
C PRO A 172 11.86 38.89 1.22
N GLU A 173 11.50 39.02 -0.06
CA GLU A 173 11.02 37.90 -0.90
C GLU A 173 12.15 37.27 -1.73
N GLN A 174 13.34 37.89 -1.81
CA GLN A 174 14.47 37.40 -2.67
C GLN A 174 15.38 36.49 -1.82
N GLY A 175 15.09 35.19 -1.78
CA GLY A 175 16.04 34.16 -1.32
C GLY A 175 17.29 34.14 -2.20
N PRO A 176 18.38 33.50 -1.74
CA PRO A 176 19.61 33.48 -2.51
C PRO A 176 19.52 32.53 -3.71
N LYS A 177 19.95 32.98 -4.89
CA LYS A 177 19.88 32.16 -6.13
C LYS A 177 21.27 31.55 -6.39
N SER A 178 22.26 31.91 -5.58
CA SER A 178 23.65 31.42 -5.75
C SER A 178 24.32 31.44 -4.38
N ILE A 179 25.40 30.68 -4.24
CA ILE A 179 26.18 30.75 -2.99
C ILE A 179 26.71 32.19 -2.82
N ASP A 180 27.07 32.89 -3.89
CA ASP A 180 27.55 34.29 -3.82
C ASP A 180 26.45 35.18 -3.22
N GLN A 181 25.21 34.99 -3.66
CA GLN A 181 24.09 35.83 -3.20
C GLN A 181 23.77 35.51 -1.72
N PHE A 182 23.93 34.26 -1.32
CA PHE A 182 23.79 33.80 0.08
C PHE A 182 24.76 34.58 0.97
N VAL A 183 26.05 34.60 0.58
CA VAL A 183 27.09 35.40 1.29
C VAL A 183 26.65 36.88 1.38
N GLU A 184 26.27 37.51 0.27
CA GLU A 184 25.89 38.95 0.25
C GLU A 184 24.74 39.22 1.24
N GLN A 185 23.72 38.36 1.25
CA GLN A 185 22.52 38.57 2.09
C GLN A 185 22.93 38.35 3.56
N ALA A 186 23.67 37.28 3.85
CA ALA A 186 24.16 37.02 5.23
C ALA A 186 25.00 38.22 5.70
N LYS A 187 25.86 38.77 4.84
CA LYS A 187 26.74 39.91 5.21
C LYS A 187 25.90 41.15 5.54
N LYS A 188 24.81 41.43 4.79
CA LYS A 188 23.94 42.60 5.06
C LYS A 188 23.22 42.41 6.41
N VAL A 189 22.77 41.20 6.73
CA VAL A 189 22.16 40.91 8.06
C VAL A 189 23.25 41.06 9.15
N ALA A 190 24.48 40.59 8.91
CA ALA A 190 25.59 40.68 9.90
C ALA A 190 25.85 42.15 10.25
N ALA A 191 25.77 43.04 9.25
CA ALA A 191 26.07 44.49 9.34
C ALA A 191 24.98 45.21 10.15
N LEU A 192 23.87 44.55 10.52
CA LEU A 192 22.85 45.13 11.43
C LEU A 192 23.48 45.36 12.81
N ASN A 193 24.44 44.52 13.18
CA ASN A 193 25.22 44.72 14.43
C ASN A 193 24.30 44.74 15.65
N LYS A 194 23.30 43.85 15.65
CA LYS A 194 22.27 43.76 16.72
C LYS A 194 22.61 42.59 17.62
N ASP A 195 22.47 42.80 18.93
CA ASP A 195 22.77 41.81 19.99
C ASP A 195 22.30 40.42 19.54
N GLY A 196 23.25 39.49 19.40
CA GLY A 196 23.00 38.05 19.17
C GLY A 196 22.49 37.74 17.76
N VAL A 197 22.50 38.70 16.83
CA VAL A 197 22.04 38.48 15.43
C VAL A 197 23.25 38.21 14.55
N ALA A 198 23.22 37.13 13.76
CA ALA A 198 24.28 36.82 12.78
C ALA A 198 23.63 36.59 11.41
N GLY A 199 24.46 36.65 10.37
CA GLY A 199 24.00 36.49 8.99
C GLY A 199 23.53 35.08 8.72
N SER A 200 24.34 34.10 9.10
CA SER A 200 24.06 32.66 8.92
C SER A 200 24.55 31.88 10.13
N TYR A 201 24.48 30.56 10.01
CA TYR A 201 24.89 29.64 11.07
C TYR A 201 25.37 28.36 10.42
N LEU A 202 26.40 27.76 10.98
CA LEU A 202 27.00 26.54 10.42
C LEU A 202 27.09 25.51 11.54
N ALA A 203 26.61 24.29 11.31
CA ALA A 203 26.60 23.21 12.33
C ALA A 203 28.00 22.57 12.38
N GLY A 204 28.96 23.30 12.97
CA GLY A 204 30.43 23.07 12.82
C GLY A 204 30.88 21.68 13.24
N GLN A 205 30.24 21.10 14.26
CA GLN A 205 30.65 19.77 14.76
C GLN A 205 29.61 18.69 14.44
N SER A 206 28.74 18.87 13.47
CA SER A 206 27.75 17.83 13.09
C SER A 206 27.99 17.43 11.64
N GLY A 207 28.79 16.38 11.40
CA GLY A 207 29.02 15.89 10.05
C GLY A 207 27.71 15.70 9.32
N GLY A 208 26.71 15.20 10.04
CA GLY A 208 25.37 14.91 9.48
C GLY A 208 24.69 16.17 8.99
N ALA A 209 24.56 17.20 9.85
CA ALA A 209 23.94 18.48 9.44
C ALA A 209 24.72 19.05 8.24
N LEU A 210 26.04 18.85 8.23
CA LEU A 210 26.95 19.49 7.23
C LEU A 210 26.75 18.82 5.87
N VAL A 211 26.61 17.51 5.80
CA VAL A 211 26.28 16.87 4.49
C VAL A 211 24.92 17.40 4.01
N PHE A 212 23.97 17.44 4.94
CA PHE A 212 22.56 17.80 4.66
C PHE A 212 22.51 19.21 4.05
N ASP A 213 23.27 20.13 4.63
CA ASP A 213 23.25 21.58 4.33
C ASP A 213 24.16 21.89 3.14
N LEU A 214 25.30 21.22 3.00
CA LEU A 214 26.33 21.60 2.00
C LEU A 214 26.27 20.75 0.73
N PHE A 215 25.95 19.45 0.79
CA PHE A 215 25.91 18.60 -0.41
C PHE A 215 25.06 19.23 -1.50
N PRO A 216 23.85 19.75 -1.22
CA PRO A 216 22.98 20.18 -2.31
C PRO A 216 23.63 21.23 -3.22
N SER A 217 24.47 22.11 -2.68
CA SER A 217 25.10 23.20 -3.45
C SER A 217 26.02 22.55 -4.50
N VAL A 218 26.63 21.41 -4.15
CA VAL A 218 27.56 20.64 -5.02
C VAL A 218 26.75 19.99 -6.14
N TRP A 219 25.70 19.24 -5.78
CA TRP A 219 24.79 18.55 -6.73
C TRP A 219 24.09 19.59 -7.62
N ALA A 220 23.67 20.73 -7.07
CA ALA A 220 23.02 21.83 -7.82
C ALA A 220 23.88 22.14 -9.05
N ASP A 221 25.21 22.12 -8.89
CA ASP A 221 26.21 22.51 -9.91
C ASP A 221 26.51 21.36 -10.87
N GLY A 222 25.93 20.17 -10.68
CA GLY A 222 26.22 18.97 -11.48
C GLY A 222 27.53 18.29 -11.10
N GLU A 223 28.07 18.58 -9.92
CA GLU A 223 29.26 17.88 -9.36
C GLU A 223 28.77 16.74 -8.46
N SER A 224 29.67 15.84 -8.09
CA SER A 224 29.37 14.68 -7.23
C SER A 224 30.17 14.84 -5.92
N VAL A 225 29.72 14.19 -4.85
CA VAL A 225 30.45 14.23 -3.54
C VAL A 225 31.11 12.86 -3.27
N MET A 226 30.58 11.81 -3.89
CA MET A 226 31.11 10.43 -3.82
C MET A 226 31.08 9.82 -5.22
N ASN A 227 31.85 8.76 -5.44
CA ASN A 227 31.77 7.97 -6.69
C ASN A 227 30.50 7.10 -6.59
N LYS A 228 30.16 6.44 -7.69
CA LYS A 228 28.84 5.73 -7.81
C LYS A 228 28.75 4.62 -6.74
N ASP A 229 29.86 3.99 -6.37
CA ASP A 229 29.91 2.87 -5.39
C ASP A 229 29.81 3.36 -3.94
N GLY A 230 30.13 4.63 -3.67
CA GLY A 230 30.22 5.12 -2.28
C GLY A 230 31.54 4.71 -1.62
N SER A 231 32.56 4.34 -2.39
CA SER A 231 33.87 3.88 -1.87
C SER A 231 34.92 4.99 -1.97
N GLU A 232 34.60 6.11 -2.65
CA GLU A 232 35.53 7.26 -2.82
C GLU A 232 34.80 8.60 -2.68
N ALA A 233 35.44 9.56 -2.03
CA ALA A 233 34.97 10.95 -1.93
C ALA A 233 35.52 11.77 -3.10
N THR A 234 34.71 12.67 -3.65
CA THR A 234 35.05 13.53 -4.81
C THR A 234 34.80 14.97 -4.39
N LEU A 235 35.23 15.31 -3.19
CA LEU A 235 34.87 16.59 -2.52
C LEU A 235 35.85 17.68 -2.92
N ASP A 236 36.95 17.31 -3.54
CA ASP A 236 37.98 18.30 -3.92
C ASP A 236 37.54 18.84 -5.29
N ASN A 237 36.45 19.61 -5.33
CA ASN A 237 35.88 20.14 -6.58
C ASN A 237 35.57 21.63 -6.40
N ASP A 238 35.46 22.36 -7.50
CA ASP A 238 35.24 23.84 -7.49
C ASP A 238 33.95 24.20 -6.74
N SER A 239 32.90 23.37 -6.79
CA SER A 239 31.61 23.71 -6.16
C SER A 239 31.76 23.58 -4.62
N MET A 240 32.28 22.45 -4.16
CA MET A 240 32.61 22.26 -2.73
C MET A 240 33.54 23.38 -2.24
N LYS A 241 34.61 23.75 -2.97
CA LYS A 241 35.54 24.86 -2.61
C LYS A 241 34.77 26.19 -2.49
N GLY A 242 33.88 26.49 -3.44
CA GLY A 242 33.05 27.71 -3.38
C GLY A 242 32.23 27.73 -2.10
N VAL A 243 31.56 26.62 -1.80
CA VAL A 243 30.66 26.52 -0.62
C VAL A 243 31.48 26.76 0.63
N LEU A 244 32.62 26.06 0.77
CA LEU A 244 33.48 26.21 1.97
C LEU A 244 34.02 27.65 2.05
N ASP A 245 34.44 28.23 0.92
CA ASP A 245 34.99 29.62 0.90
C ASP A 245 33.88 30.58 1.30
N ALA A 246 32.64 30.30 0.94
CA ALA A 246 31.49 31.16 1.32
C ALA A 246 31.46 31.23 2.85
N TYR A 247 31.44 30.08 3.49
CA TYR A 247 31.34 29.97 4.96
C TYR A 247 32.62 30.51 5.59
N LYS A 248 33.78 30.29 4.96
CA LYS A 248 35.03 30.93 5.43
C LYS A 248 34.85 32.45 5.45
N GLU A 249 34.30 33.06 4.39
CA GLU A 249 34.08 34.53 4.32
C GLU A 249 33.20 34.98 5.50
N LEU A 250 32.14 34.24 5.80
CA LEU A 250 31.20 34.61 6.88
C LEU A 250 31.89 34.43 8.24
N ALA A 251 32.71 33.39 8.38
CA ALA A 251 33.56 33.15 9.57
C ALA A 251 34.47 34.37 9.84
N ASN A 252 34.95 35.02 8.78
CA ASN A 252 35.88 36.19 8.88
C ASN A 252 35.10 37.50 8.78
N THR A 253 33.78 37.45 8.90
CA THR A 253 32.90 38.65 8.96
C THR A 253 32.36 38.78 10.37
N THR A 254 32.43 39.99 10.93
CA THR A 254 31.82 40.31 12.23
C THR A 254 30.33 39.99 12.14
N ASN A 255 29.86 39.13 13.03
CA ASN A 255 28.45 38.66 13.11
C ASN A 255 28.11 37.79 11.89
N GLY A 256 29.11 37.24 11.21
CA GLY A 256 28.89 36.48 9.95
C GLY A 256 28.15 35.17 10.23
N LEU A 257 28.63 34.41 11.23
CA LEU A 257 28.08 33.08 11.65
C LEU A 257 27.74 33.16 13.14
N GLY A 258 26.51 32.80 13.50
CA GLY A 258 26.06 32.95 14.89
C GLY A 258 27.01 32.25 15.84
N ALA A 259 27.14 32.79 17.04
CA ALA A 259 27.91 32.16 18.13
C ALA A 259 27.35 30.75 18.32
N GLY A 260 28.25 29.77 18.48
CA GLY A 260 27.80 28.38 18.60
C GLY A 260 28.16 27.56 17.38
N SER A 261 28.32 28.20 16.22
CA SER A 261 28.61 27.50 14.94
C SER A 261 29.85 26.61 15.09
N LYS A 262 30.93 27.13 15.67
CA LYS A 262 32.21 26.35 15.81
C LYS A 262 31.99 25.10 16.69
N GLU A 263 31.10 25.17 17.68
CA GLU A 263 30.91 24.07 18.67
C GLU A 263 29.65 23.27 18.38
N GLU A 264 28.77 23.70 17.45
CA GLU A 264 27.45 23.06 17.26
C GLU A 264 27.59 21.54 17.02
N THR A 265 27.06 20.71 17.93
CA THR A 265 27.14 19.23 17.90
C THR A 265 26.06 18.63 16.99
N GLY A 266 25.02 19.40 16.66
CA GLY A 266 23.82 18.91 15.97
C GLY A 266 22.61 18.88 16.89
N ALA A 267 22.82 18.84 18.20
CA ALA A 267 21.72 18.83 19.18
C ALA A 267 20.90 20.13 19.14
N THR A 268 21.46 21.26 18.67
CA THR A 268 20.76 22.56 18.79
C THR A 268 20.78 23.35 17.48
N TRP A 269 21.12 22.75 16.35
CA TRP A 269 21.51 23.58 15.18
C TRP A 269 20.34 24.34 14.58
N THR A 270 19.10 23.93 14.82
CA THR A 270 17.90 24.60 14.21
C THR A 270 17.39 25.72 15.12
N ALA A 271 17.91 25.82 16.36
CA ALA A 271 17.33 26.71 17.38
C ALA A 271 17.63 28.18 17.08
N PRO A 272 18.87 28.60 16.76
CA PRO A 272 19.17 30.03 16.58
C PRO A 272 18.29 30.68 15.50
N PHE A 273 18.06 29.97 14.40
CA PHE A 273 17.17 30.49 13.32
C PHE A 273 15.73 30.56 13.87
N ALA A 274 15.28 29.53 14.58
CA ALA A 274 13.90 29.46 15.13
C ALA A 274 13.70 30.63 16.11
N ASN A 275 14.77 30.99 16.79
CA ASN A 275 14.82 32.03 17.84
C ASN A 275 14.94 33.43 17.22
N GLY A 276 14.99 33.56 15.90
CA GLY A 276 14.97 34.88 15.22
C GLY A 276 16.34 35.54 15.20
N LYS A 277 17.43 34.79 15.35
CA LYS A 277 18.78 35.38 15.52
C LYS A 277 19.65 35.22 14.27
N ILE A 278 19.16 34.56 13.23
CA ILE A 278 20.01 34.21 12.05
C ILE A 278 19.30 34.69 10.78
N GLY A 279 20.01 35.42 9.93
CA GLY A 279 19.44 35.96 8.70
C GLY A 279 18.96 34.84 7.78
N VAL A 280 19.85 33.90 7.44
CA VAL A 280 19.60 32.96 6.32
C VAL A 280 20.46 31.71 6.48
N MET A 281 19.86 30.53 6.32
CA MET A 281 20.65 29.29 6.38
C MET A 281 19.91 28.10 5.78
N PRO A 282 20.67 27.05 5.41
CA PRO A 282 20.08 25.74 5.16
C PRO A 282 19.36 25.21 6.39
N TYR A 283 18.33 24.41 6.16
CA TYR A 283 17.43 24.00 7.25
C TYR A 283 16.66 22.75 6.86
N PRO A 284 16.22 21.96 7.84
CA PRO A 284 15.39 20.80 7.56
C PRO A 284 13.95 21.23 7.29
N ASN A 285 13.33 20.74 6.22
CA ASN A 285 11.87 20.93 5.98
C ASN A 285 11.10 20.43 7.21
N THR A 286 11.56 19.38 7.90
CA THR A 286 10.82 18.80 9.05
C THR A 286 10.80 19.78 10.25
N SER A 287 11.58 20.86 10.19
CA SER A 287 11.57 21.94 11.23
C SER A 287 10.82 23.20 10.77
N THR A 288 10.36 23.27 9.52
CA THR A 288 9.74 24.52 8.97
C THR A 288 8.32 24.71 9.50
N THR A 289 7.57 23.64 9.74
CA THR A 289 6.17 23.72 10.24
C THR A 289 6.16 24.47 11.58
N ALA A 290 7.15 24.23 12.43
CA ALA A 290 7.37 24.95 13.71
C ALA A 290 7.53 26.45 13.42
N LEU A 291 8.23 26.80 12.34
CA LEU A 291 8.49 28.22 11.99
C LEU A 291 7.20 28.84 11.47
N PHE A 292 6.47 28.12 10.61
CA PHE A 292 5.21 28.62 10.01
C PHE A 292 4.19 28.87 11.13
N ASP A 293 4.11 27.96 12.11
CA ASP A 293 3.32 28.10 13.36
C ASP A 293 3.78 29.31 14.20
N ALA A 294 5.09 29.49 14.43
CA ALA A 294 5.58 30.64 15.21
C ALA A 294 5.08 31.92 14.52
N GLU A 295 5.11 31.94 13.19
CA GLU A 295 4.71 33.12 12.38
C GLU A 295 3.20 33.36 12.52
N LYS A 296 2.37 32.32 12.43
CA LYS A 296 0.91 32.41 12.69
C LYS A 296 0.66 32.99 14.09
N ASP A 297 1.54 32.69 15.06
CA ASP A 297 1.43 33.12 16.48
C ASP A 297 2.00 34.52 16.70
N GLY A 298 2.43 35.22 15.65
CA GLY A 298 2.87 36.62 15.75
C GLY A 298 4.38 36.78 15.73
N GLY A 299 5.14 35.68 15.55
CA GLY A 299 6.61 35.67 15.40
C GLY A 299 7.04 36.18 14.02
N PHE A 300 8.32 36.08 13.71
CA PHE A 300 8.89 36.69 12.50
C PHE A 300 8.41 35.89 11.28
N GLU A 301 8.37 36.54 10.11
CA GLU A 301 8.00 35.89 8.82
C GLU A 301 9.19 35.16 8.17
N VAL A 302 8.91 33.99 7.59
CA VAL A 302 9.93 33.03 7.09
C VAL A 302 9.88 32.99 5.57
N GLY A 303 11.02 33.24 4.95
CA GLY A 303 11.23 32.88 3.54
C GLY A 303 11.76 31.46 3.40
N VAL A 304 11.33 30.78 2.35
CA VAL A 304 11.82 29.42 2.01
C VAL A 304 12.18 29.37 0.53
N ALA A 305 13.34 28.84 0.19
CA ALA A 305 13.71 28.54 -1.21
C ALA A 305 14.62 27.32 -1.29
N PRO A 306 14.76 26.71 -2.47
CA PRO A 306 15.70 25.61 -2.62
C PRO A 306 17.13 26.11 -2.38
N ILE A 307 17.99 25.24 -1.85
CA ILE A 307 19.44 25.52 -1.67
C ILE A 307 20.08 25.72 -3.03
N PRO A 308 20.77 26.86 -3.26
CA PRO A 308 21.37 27.12 -4.57
C PRO A 308 22.78 26.56 -4.72
N GLY A 309 23.16 26.36 -5.98
CA GLY A 309 24.53 26.09 -6.39
C GLY A 309 25.38 27.35 -6.33
N THR A 310 26.66 27.16 -6.57
CA THR A 310 27.66 28.17 -6.99
C THR A 310 27.13 28.84 -8.26
N LYS A 311 26.43 28.10 -9.12
CA LYS A 311 25.92 28.62 -10.42
C LYS A 311 24.55 29.27 -10.25
N GLU A 312 24.42 30.52 -10.65
CA GLU A 312 23.16 31.32 -10.54
C GLU A 312 21.95 30.47 -10.97
N GLY A 313 20.96 30.27 -10.10
CA GLY A 313 19.69 29.64 -10.51
C GLY A 313 19.70 28.10 -10.50
N LYS A 314 20.84 27.47 -10.21
CA LYS A 314 20.90 25.99 -10.01
C LYS A 314 20.51 25.69 -8.56
N THR A 315 19.73 24.63 -8.36
CA THR A 315 19.23 24.25 -7.01
C THR A 315 19.27 22.75 -6.91
N SER A 316 19.30 22.25 -5.68
CA SER A 316 19.18 20.82 -5.34
C SER A 316 18.67 20.70 -3.90
N THR A 317 18.59 19.48 -3.41
CA THR A 317 18.30 19.17 -1.99
C THR A 317 18.96 17.86 -1.61
N PHE A 318 18.99 17.61 -0.31
CA PHE A 318 19.39 16.33 0.27
C PHE A 318 18.09 15.59 0.55
N LEU A 319 17.89 14.49 -0.16
CA LEU A 319 16.69 13.63 -0.03
C LEU A 319 16.96 12.69 1.15
N GLY A 320 16.82 13.22 2.37
CA GLY A 320 17.11 12.52 3.62
C GLY A 320 15.84 12.16 4.38
N GLY A 321 15.98 12.02 5.69
CA GLY A 321 14.91 11.55 6.59
C GLY A 321 15.18 10.14 7.03
N ASP A 322 14.15 9.43 7.49
CA ASP A 322 14.31 8.05 7.97
C ASP A 322 13.57 7.10 7.03
N ALA A 323 14.18 5.98 6.71
CA ALA A 323 13.48 4.80 6.16
C ALA A 323 13.19 3.84 7.29
N MET A 324 12.23 2.94 7.11
CA MET A 324 11.89 1.96 8.16
C MET A 324 11.86 0.56 7.57
N GLY A 325 12.24 -0.41 8.39
CA GLY A 325 12.05 -1.82 8.11
C GLY A 325 11.57 -2.53 9.34
N ILE A 326 11.25 -3.78 9.16
CA ILE A 326 10.89 -4.73 10.26
C ILE A 326 12.19 -5.37 10.73
N SER A 327 12.47 -5.27 12.04
CA SER A 327 13.79 -5.70 12.57
C SER A 327 13.88 -7.24 12.49
N LYS A 328 15.11 -7.76 12.56
CA LYS A 328 15.35 -9.22 12.64
C LYS A 328 14.72 -9.80 13.92
N ASP A 329 14.42 -8.97 14.91
CA ASP A 329 13.95 -9.44 16.24
C ASP A 329 12.43 -9.44 16.35
N SER A 330 11.69 -8.98 15.35
CA SER A 330 10.22 -8.82 15.48
C SER A 330 9.54 -10.19 15.57
N LYS A 331 8.68 -10.39 16.55
CA LYS A 331 7.75 -11.56 16.61
C LYS A 331 6.32 -11.11 16.25
N HIS A 332 6.18 -10.05 15.46
CA HIS A 332 4.87 -9.52 14.99
C HIS A 332 5.06 -8.93 13.60
N VAL A 333 5.58 -9.72 12.68
CA VAL A 333 6.00 -9.27 11.33
C VAL A 333 4.74 -8.84 10.56
N ALA A 334 3.65 -9.60 10.68
CA ALA A 334 2.36 -9.35 9.96
C ALA A 334 1.74 -8.04 10.46
N GLN A 335 1.84 -7.78 11.76
CA GLN A 335 1.31 -6.57 12.43
C GLN A 335 2.19 -5.37 12.06
N ALA A 336 3.52 -5.53 12.07
CA ALA A 336 4.45 -4.47 11.63
C ALA A 336 4.17 -4.13 10.16
N TRP A 337 4.01 -5.15 9.32
CA TRP A 337 3.70 -4.98 7.87
C TRP A 337 2.38 -4.19 7.73
N ASN A 338 1.39 -4.41 8.60
CA ASN A 338 0.14 -3.61 8.58
C ASN A 338 0.47 -2.11 8.67
N PHE A 339 1.40 -1.73 9.53
CA PHE A 339 1.85 -0.32 9.66
C PHE A 339 2.53 0.15 8.39
N LEU A 340 3.53 -0.61 7.94
CA LEU A 340 4.34 -0.28 6.73
C LEU A 340 3.39 -0.07 5.55
N TYR A 341 2.49 -1.03 5.29
CA TYR A 341 1.52 -0.97 4.19
C TYR A 341 0.64 0.27 4.31
N TRP A 342 0.05 0.48 5.49
CA TRP A 342 -0.88 1.60 5.74
C TRP A 342 -0.20 2.92 5.36
N LEU A 343 1.05 3.14 5.80
CA LEU A 343 1.72 4.45 5.64
C LEU A 343 2.06 4.72 4.17
N MET A 344 2.26 3.69 3.36
CA MET A 344 2.58 3.93 1.92
C MET A 344 1.36 4.49 1.16
N GLN A 345 0.15 4.28 1.66
CA GLN A 345 -1.08 4.67 0.93
C GLN A 345 -1.17 6.20 0.89
N SER A 346 -1.67 6.74 -0.25
CA SER A 346 -1.80 8.20 -0.45
C SER A 346 -2.77 8.78 0.58
N ASP A 347 -3.82 8.06 0.97
CA ASP A 347 -4.76 8.41 2.08
C ASP A 347 -4.04 8.77 3.38
N ALA A 348 -3.28 7.82 3.91
CA ALA A 348 -2.52 8.00 5.18
C ALA A 348 -1.49 9.12 4.98
N GLN A 349 -0.83 9.16 3.81
CA GLN A 349 0.20 10.19 3.53
C GLN A 349 -0.43 11.58 3.57
N LYS A 350 -1.63 11.76 3.03
CA LYS A 350 -2.39 13.04 3.13
C LYS A 350 -2.74 13.32 4.59
N GLU A 351 -3.23 12.32 5.32
CA GLU A 351 -3.68 12.53 6.72
C GLU A 351 -2.49 12.94 7.58
N VAL A 352 -1.39 12.19 7.53
CA VAL A 352 -0.28 12.33 8.52
C VAL A 352 0.73 13.40 8.08
N PHE A 353 0.93 13.63 6.78
CA PHE A 353 1.91 14.62 6.25
C PHE A 353 1.16 15.86 5.75
N ALA A 354 0.45 15.75 4.64
CA ALA A 354 -0.11 16.91 3.90
C ALA A 354 -1.00 17.74 4.83
N ASP A 355 -1.94 17.11 5.52
CA ASP A 355 -2.96 17.81 6.34
C ASP A 355 -2.29 18.47 7.57
N GLN A 356 -1.10 18.03 7.95
CA GLN A 356 -0.29 18.62 9.07
C GLN A 356 0.72 19.64 8.54
N GLY A 357 0.74 19.92 7.23
CA GLY A 357 1.66 20.88 6.60
C GLY A 357 3.07 20.32 6.43
N ASP A 358 3.22 18.99 6.40
CA ASP A 358 4.53 18.30 6.25
C ASP A 358 4.64 17.66 4.87
N THR A 359 5.88 17.49 4.39
CA THR A 359 6.21 16.87 3.09
C THR A 359 6.04 15.34 3.19
N ALA A 360 5.26 14.78 2.27
CA ALA A 360 4.92 13.34 2.18
C ALA A 360 6.07 12.59 1.52
N SER A 361 6.08 11.28 1.69
CA SER A 361 7.05 10.34 1.06
C SER A 361 6.50 9.78 -0.25
N ASN A 362 5.24 10.09 -0.54
CA ASN A 362 4.45 9.58 -1.69
C ASN A 362 4.30 10.72 -2.72
N ILE A 363 4.98 10.59 -3.88
CA ILE A 363 5.03 11.62 -4.97
C ILE A 363 3.61 11.95 -5.47
N GLN A 364 2.74 10.96 -5.56
CA GLN A 364 1.33 11.16 -5.94
C GLN A 364 0.69 12.07 -4.88
N THR A 365 0.96 11.84 -3.58
CA THR A 365 0.43 12.76 -2.51
C THR A 365 0.98 14.18 -2.74
N LEU A 366 2.27 14.32 -3.03
CA LEU A 366 2.95 15.61 -3.27
C LEU A 366 2.23 16.36 -4.40
N LYS A 367 1.85 15.63 -5.45
CA LYS A 367 1.31 16.25 -6.69
C LYS A 367 -0.20 16.51 -6.58
N THR A 368 -0.89 15.99 -5.55
CA THR A 368 -2.38 16.05 -5.48
C THR A 368 -2.90 16.67 -4.18
N ALA A 369 -2.19 16.53 -3.06
CA ALA A 369 -2.76 16.77 -1.71
C ALA A 369 -2.37 18.15 -1.16
N TYR A 370 -1.66 18.98 -1.94
CA TYR A 370 -1.14 20.28 -1.41
C TYR A 370 -1.60 21.48 -2.26
N LYS A 371 -2.68 21.33 -3.03
CA LYS A 371 -3.05 22.39 -4.01
C LYS A 371 -3.39 23.68 -3.27
N ASP A 372 -3.89 23.57 -2.05
CA ASP A 372 -4.28 24.76 -1.26
C ASP A 372 -3.36 24.90 -0.04
N ALA A 373 -2.22 24.22 -0.01
CA ALA A 373 -1.27 24.38 1.11
C ALA A 373 -0.54 25.72 0.99
N ASP A 374 -0.03 26.20 2.12
CA ASP A 374 0.91 27.34 2.18
C ASP A 374 1.86 27.23 0.98
N PRO A 375 2.02 28.31 0.19
CA PRO A 375 2.85 28.25 -1.01
C PRO A 375 4.28 27.78 -0.72
N ARG A 376 4.80 28.08 0.47
CA ARG A 376 6.18 27.69 0.88
C ARG A 376 6.24 26.16 1.03
N ILE A 377 5.17 25.53 1.51
CA ILE A 377 5.08 24.03 1.53
C ILE A 377 5.15 23.51 0.08
N GLN A 378 4.43 24.14 -0.85
CA GLN A 378 4.38 23.67 -2.26
C GLN A 378 5.73 23.88 -2.93
N THR A 379 6.38 25.01 -2.63
CA THR A 379 7.79 25.33 -3.01
C THR A 379 8.73 24.24 -2.48
N ILE A 380 8.62 23.83 -1.21
CA ILE A 380 9.45 22.71 -0.63
C ILE A 380 9.20 21.44 -1.45
N ASN A 381 7.94 21.04 -1.67
CA ASN A 381 7.58 19.80 -2.42
C ASN A 381 8.19 19.81 -3.83
N SER A 382 8.25 20.97 -4.49
CA SER A 382 8.78 21.11 -5.86
C SER A 382 10.25 20.68 -5.90
N VAL A 383 10.97 20.70 -4.78
CA VAL A 383 12.40 20.28 -4.77
C VAL A 383 12.49 18.75 -4.73
N ILE A 384 11.41 18.04 -4.40
CA ILE A 384 11.33 16.57 -4.56
C ILE A 384 10.83 16.29 -5.97
N ILE A 385 9.74 16.93 -6.37
CA ILE A 385 9.05 16.65 -7.67
C ILE A 385 10.02 16.98 -8.82
N ASP A 386 10.76 18.09 -8.73
CA ASP A 386 11.71 18.55 -9.80
C ASP A 386 12.81 17.51 -10.05
N GLY A 387 13.11 16.67 -9.06
CA GLY A 387 13.99 15.49 -9.22
C GLY A 387 15.47 15.84 -9.16
N ASN A 388 15.90 17.02 -8.66
CA ASN A 388 17.36 17.35 -8.72
C ASN A 388 18.09 16.92 -7.44
N GLY A 389 17.38 16.37 -6.45
CA GLY A 389 17.98 16.00 -5.16
C GLY A 389 18.71 14.66 -5.22
N GLN A 390 19.53 14.35 -4.23
CA GLN A 390 20.20 13.03 -4.18
C GLN A 390 20.11 12.50 -2.76
N THR A 391 20.18 11.17 -2.66
CA THR A 391 20.34 10.43 -1.40
C THR A 391 21.67 9.69 -1.49
N PRO A 392 22.71 10.08 -0.72
CA PRO A 392 23.99 9.41 -0.79
C PRO A 392 23.95 8.03 -0.13
N LYS A 393 24.56 7.06 -0.80
CA LYS A 393 24.48 5.64 -0.38
C LYS A 393 25.88 5.09 -0.21
N SER A 394 26.26 4.75 1.02
CA SER A 394 27.56 4.10 1.33
C SER A 394 27.43 3.27 2.59
N PRO A 395 27.97 2.02 2.59
CA PRO A 395 28.03 1.23 3.83
C PRO A 395 28.88 1.92 4.89
N ALA A 396 29.74 2.86 4.49
CA ALA A 396 30.70 3.53 5.37
C ALA A 396 30.30 4.97 5.68
N PHE A 397 29.06 5.38 5.38
CA PHE A 397 28.65 6.80 5.43
C PHE A 397 28.82 7.38 6.82
N ASN A 398 28.32 6.73 7.86
CA ASN A 398 28.44 7.25 9.25
C ASN A 398 29.91 7.54 9.57
N GLU A 399 30.76 6.57 9.29
CA GLU A 399 32.17 6.61 9.74
C GLU A 399 32.88 7.74 9.00
N ALA A 400 32.52 7.98 7.74
CA ALA A 400 33.20 8.98 6.89
C ALA A 400 32.64 10.39 7.13
N PHE A 401 31.34 10.48 7.42
CA PHE A 401 30.55 11.74 7.41
C PHE A 401 29.95 12.07 8.77
N ASN A 402 28.96 11.30 9.22
CA ASN A 402 28.12 11.75 10.37
C ASN A 402 28.88 11.70 11.70
N ALA A 403 29.79 10.75 11.88
CA ALA A 403 30.45 10.48 13.19
C ALA A 403 31.17 11.74 13.70
N ALA A 404 31.22 11.91 15.03
CA ALA A 404 31.97 12.99 15.73
C ALA A 404 33.43 12.93 15.30
N GLY A 405 34.00 14.05 14.84
CA GLY A 405 35.36 14.13 14.29
C GLY A 405 35.62 13.21 13.10
N SER A 406 34.60 12.93 12.28
CA SER A 406 34.77 12.26 10.96
C SER A 406 35.77 13.05 10.12
N PRO A 407 36.41 12.41 9.09
CA PRO A 407 37.27 13.14 8.16
C PRO A 407 36.55 14.27 7.43
N TRP A 408 35.26 14.10 7.15
CA TRP A 408 34.41 15.15 6.53
C TRP A 408 34.24 16.33 7.47
N GLN A 409 33.95 16.08 8.75
CA GLN A 409 33.80 17.16 9.75
C GLN A 409 35.10 17.95 9.81
N LEU A 410 36.25 17.26 9.81
CA LEU A 410 37.56 17.95 9.94
C LEU A 410 37.81 18.75 8.67
N LEU A 411 37.44 18.17 7.53
CA LEU A 411 37.59 18.82 6.20
C LEU A 411 36.89 20.18 6.24
N VAL A 412 35.63 20.19 6.68
CA VAL A 412 34.82 21.45 6.74
C VAL A 412 35.47 22.37 7.76
N GLN A 413 35.83 21.83 8.92
CA GLN A 413 36.39 22.69 9.97
C GLN A 413 37.70 23.34 9.48
N ASN A 414 38.61 22.56 8.91
CA ASN A 414 39.88 23.11 8.36
C ASN A 414 39.58 24.24 7.36
N ALA A 415 38.63 24.01 6.46
CA ALA A 415 38.33 24.94 5.33
C ALA A 415 37.70 26.22 5.87
N VAL A 416 36.79 26.13 6.84
CA VAL A 416 36.01 27.31 7.29
C VAL A 416 36.78 28.11 8.36
N TRP A 417 37.23 27.48 9.43
CA TRP A 417 37.84 28.17 10.58
C TRP A 417 39.34 27.99 10.65
N GLY A 418 39.91 27.14 9.79
CA GLY A 418 41.32 26.75 9.88
C GLY A 418 42.07 27.09 8.60
N SER A 419 43.15 26.38 8.40
CA SER A 419 43.78 26.20 7.08
C SER A 419 43.34 24.83 6.60
N GLY A 420 42.72 24.83 5.42
CA GLY A 420 42.23 23.64 4.70
C GLY A 420 43.32 23.06 3.84
N ASP A 421 43.32 21.76 3.66
CA ASP A 421 44.04 21.08 2.57
C ASP A 421 42.97 20.18 1.96
N LEU A 422 42.17 20.75 1.05
CA LEU A 422 40.96 20.08 0.53
C LEU A 422 41.36 18.74 -0.10
N LYS A 423 42.44 18.71 -0.90
CA LYS A 423 42.95 17.46 -1.51
C LYS A 423 43.23 16.39 -0.44
N ALA A 424 44.00 16.73 0.59
CA ALA A 424 44.41 15.80 1.67
C ALA A 424 43.18 15.37 2.48
N ASP A 425 42.33 16.32 2.84
CA ASP A 425 41.12 16.06 3.67
C ASP A 425 40.17 15.14 2.89
N ASN A 426 39.99 15.37 1.59
CA ASN A 426 39.12 14.54 0.73
C ASN A 426 39.64 13.08 0.73
N LYS A 427 40.96 12.91 0.65
CA LYS A 427 41.57 11.55 0.55
C LYS A 427 41.39 10.85 1.90
N ALA A 428 41.42 11.59 3.01
CA ALA A 428 41.10 11.08 4.35
C ALA A 428 39.67 10.54 4.36
N VAL A 429 38.74 11.21 3.66
CA VAL A 429 37.34 10.74 3.60
C VAL A 429 37.34 9.44 2.78
N THR A 430 37.98 9.44 1.62
CA THR A 430 38.02 8.22 0.77
C THR A 430 38.66 7.06 1.56
N ASP A 431 39.71 7.31 2.37
CA ASP A 431 40.43 6.21 3.09
C ASP A 431 39.45 5.51 4.05
N VAL A 432 38.46 6.23 4.57
CA VAL A 432 37.41 5.63 5.44
C VAL A 432 36.39 4.94 4.54
N LEU A 433 35.95 5.61 3.48
CA LEU A 433 34.96 5.01 2.56
C LEU A 433 35.46 3.68 1.99
N SER A 434 36.74 3.51 1.71
CA SER A 434 37.25 2.29 1.05
C SER A 434 37.97 1.39 2.05
N ALA A 435 38.24 1.84 3.28
CA ALA A 435 39.06 1.06 4.23
C ALA A 435 38.23 0.82 5.48
N GLN A 436 37.31 -0.15 5.41
CA GLN A 436 36.84 -0.71 4.16
C GLN A 436 35.40 -0.21 3.91
N GLY B 34 -16.61 5.32 -26.22
CA GLY B 34 -16.26 4.90 -27.61
C GLY B 34 -17.37 5.30 -28.58
N ILE B 35 -17.68 6.60 -28.65
CA ILE B 35 -16.70 7.64 -28.35
C ILE B 35 -17.15 8.61 -27.25
N PRO B 36 -18.42 9.06 -27.05
CA PRO B 36 -18.65 10.05 -26.02
C PRO B 36 -18.20 9.51 -24.65
N ALA B 37 -17.65 10.37 -23.79
CA ALA B 37 -17.12 9.99 -22.47
C ALA B 37 -18.21 9.24 -21.67
N LYS B 38 -19.47 9.66 -21.80
CA LYS B 38 -20.63 9.09 -21.06
C LYS B 38 -21.38 8.05 -21.91
N GLY B 39 -20.90 7.76 -23.12
CA GLY B 39 -21.54 6.84 -24.06
C GLY B 39 -22.70 7.52 -24.77
N THR B 40 -23.46 6.76 -25.56
CA THR B 40 -24.63 7.28 -26.30
C THR B 40 -25.86 6.56 -25.79
N ASP B 41 -26.88 7.34 -25.47
CA ASP B 41 -28.23 6.84 -25.14
C ASP B 41 -29.23 7.26 -26.22
N ASP B 42 -29.49 6.38 -27.18
CA ASP B 42 -30.26 6.75 -28.40
C ASP B 42 -31.38 5.73 -28.68
N GLY B 43 -31.65 4.82 -27.76
CA GLY B 43 -32.72 3.81 -27.89
C GLY B 43 -32.26 2.49 -28.46
N THR B 44 -30.95 2.26 -28.65
CA THR B 44 -30.40 0.98 -29.15
C THR B 44 -30.72 -0.13 -28.14
N GLU B 45 -31.21 -1.28 -28.60
CA GLU B 45 -31.35 -2.50 -27.77
C GLU B 45 -29.96 -3.14 -27.57
N ILE B 46 -29.57 -3.38 -26.33
CA ILE B 46 -28.19 -3.86 -25.95
C ILE B 46 -28.31 -5.30 -25.42
N THR B 47 -27.54 -6.25 -25.93
CA THR B 47 -27.53 -7.61 -25.36
C THR B 47 -26.46 -7.68 -24.27
N LEU B 48 -26.82 -8.33 -23.17
CA LEU B 48 -25.90 -8.62 -22.07
C LEU B 48 -26.08 -10.06 -21.61
N TRP B 49 -24.96 -10.81 -21.53
CA TRP B 49 -24.91 -12.17 -20.96
C TRP B 49 -24.26 -12.14 -19.59
N THR B 50 -24.79 -12.90 -18.64
CA THR B 50 -24.14 -13.21 -17.34
C THR B 50 -24.65 -14.57 -16.89
N ARG B 51 -24.32 -14.97 -15.66
CA ARG B 51 -24.53 -16.37 -15.20
C ARG B 51 -25.54 -16.44 -14.04
N SER B 52 -26.21 -17.59 -13.97
CA SER B 52 -27.29 -17.94 -13.02
C SER B 52 -26.94 -17.60 -11.58
N PRO B 53 -25.74 -17.91 -11.05
CA PRO B 53 -25.44 -17.56 -9.66
C PRO B 53 -25.60 -16.07 -9.30
N LEU B 54 -25.41 -15.16 -10.27
CA LEU B 54 -25.56 -13.71 -10.03
C LEU B 54 -26.92 -13.21 -10.50
N GLU B 55 -27.89 -14.08 -10.73
CA GLU B 55 -29.25 -13.76 -11.25
C GLU B 55 -29.84 -12.54 -10.52
N ARG B 56 -29.88 -12.56 -9.20
CA ARG B 56 -30.71 -11.59 -8.44
C ARG B 56 -30.15 -10.19 -8.71
N GLN B 57 -28.82 -10.06 -8.67
CA GLN B 57 -28.14 -8.74 -8.84
C GLN B 57 -28.24 -8.32 -10.31
N ALA B 58 -28.06 -9.26 -11.26
CA ALA B 58 -28.14 -9.00 -12.71
C ALA B 58 -29.49 -8.36 -13.07
N LYS B 59 -30.58 -8.94 -12.61
CA LYS B 59 -31.98 -8.43 -12.79
C LYS B 59 -32.12 -7.02 -12.19
N ASN B 60 -31.70 -6.82 -10.95
CA ASN B 60 -31.76 -5.50 -10.28
C ASN B 60 -31.01 -4.48 -11.15
N VAL B 61 -29.79 -4.83 -11.61
CA VAL B 61 -28.96 -3.89 -12.42
C VAL B 61 -29.72 -3.54 -13.70
N VAL B 62 -30.20 -4.55 -14.42
CA VAL B 62 -30.76 -4.30 -15.78
C VAL B 62 -32.09 -3.56 -15.65
N GLU B 63 -32.93 -3.96 -14.70
CA GLU B 63 -34.24 -3.29 -14.50
C GLU B 63 -33.98 -1.79 -14.28
N ALA B 64 -32.96 -1.44 -13.47
CA ALA B 64 -32.64 -0.05 -13.10
C ALA B 64 -32.16 0.74 -14.33
N TYR B 65 -31.26 0.15 -15.12
CA TYR B 65 -30.76 0.80 -16.35
C TYR B 65 -31.94 1.09 -17.31
N ASN B 66 -32.82 0.11 -17.48
CA ASN B 66 -33.90 0.11 -18.50
C ASN B 66 -34.95 1.15 -18.10
N LYS B 67 -35.13 1.41 -16.80
CA LYS B 67 -36.09 2.42 -16.26
C LYS B 67 -35.61 3.85 -16.50
N SER B 68 -34.30 4.07 -16.65
CA SER B 68 -33.66 5.40 -16.57
C SER B 68 -33.01 5.75 -17.91
N HIS B 69 -33.14 4.91 -18.93
CA HIS B 69 -32.44 5.11 -20.21
C HIS B 69 -33.36 4.83 -21.39
N LYS B 70 -33.10 5.50 -22.51
CA LYS B 70 -33.72 5.21 -23.82
C LYS B 70 -33.20 3.85 -24.33
N ASN B 71 -31.88 3.64 -24.35
CA ASN B 71 -31.27 2.30 -24.59
C ASN B 71 -31.98 1.29 -23.68
N GLN B 72 -32.16 0.06 -24.16
CA GLN B 72 -32.74 -1.05 -23.36
C GLN B 72 -31.79 -2.26 -23.43
N VAL B 73 -31.51 -2.85 -22.27
CA VAL B 73 -30.65 -4.06 -22.20
C VAL B 73 -31.56 -5.28 -22.28
N LYS B 74 -31.28 -6.20 -23.19
CA LYS B 74 -31.89 -7.56 -23.22
C LYS B 74 -30.93 -8.53 -22.54
N LEU B 75 -31.32 -9.01 -21.37
CA LEU B 75 -30.51 -9.85 -20.47
C LEU B 75 -30.66 -11.34 -20.81
N GLU B 76 -29.56 -12.09 -20.87
CA GLU B 76 -29.64 -13.57 -20.88
C GLU B 76 -28.84 -14.08 -19.67
N ILE B 77 -29.47 -14.94 -18.87
CA ILE B 77 -28.84 -15.58 -17.70
C ILE B 77 -28.47 -16.99 -18.13
N ILE B 78 -27.18 -17.32 -18.05
CA ILE B 78 -26.62 -18.60 -18.56
C ILE B 78 -26.09 -19.40 -17.36
N PRO B 79 -26.38 -20.71 -17.28
CA PRO B 79 -25.84 -21.53 -16.20
C PRO B 79 -24.32 -21.39 -16.13
N ASN B 80 -23.82 -21.30 -14.90
CA ASN B 80 -22.39 -21.12 -14.57
C ASN B 80 -21.51 -22.01 -15.47
N ASP B 81 -21.85 -23.29 -15.63
CA ASP B 81 -20.94 -24.26 -16.30
C ASP B 81 -21.13 -24.21 -17.83
N ASP B 82 -22.04 -23.39 -18.36
CA ASP B 82 -22.28 -23.30 -19.83
C ASP B 82 -21.60 -22.08 -20.44
N MET B 83 -21.01 -21.21 -19.62
CA MET B 83 -20.50 -19.89 -20.10
C MET B 83 -19.30 -20.12 -21.02
N GLU B 84 -18.34 -20.99 -20.64
CA GLU B 84 -17.14 -21.28 -21.49
C GLU B 84 -17.58 -21.74 -22.88
N GLY B 85 -18.47 -22.73 -22.97
CA GLY B 85 -18.92 -23.29 -24.24
C GLY B 85 -19.69 -22.26 -25.05
N LYS B 86 -20.56 -21.51 -24.39
CA LYS B 86 -21.45 -20.54 -25.09
C LYS B 86 -20.60 -19.39 -25.63
N VAL B 87 -19.64 -18.91 -24.85
CA VAL B 87 -18.74 -17.80 -25.27
C VAL B 87 -17.82 -18.28 -26.43
N GLY B 88 -17.23 -19.48 -26.30
CA GLY B 88 -16.32 -20.05 -27.31
C GLY B 88 -17.03 -20.25 -28.64
N GLY B 89 -18.23 -20.87 -28.62
CA GLY B 89 -19.10 -21.06 -29.80
C GLY B 89 -19.48 -19.73 -30.46
N ALA B 90 -19.88 -18.75 -29.66
CA ALA B 90 -20.33 -17.42 -30.13
C ALA B 90 -19.14 -16.62 -30.69
N SER B 91 -17.94 -16.80 -30.14
CA SER B 91 -16.70 -16.16 -30.62
C SER B 91 -16.41 -16.60 -32.08
N GLN B 92 -16.67 -17.88 -32.36
CA GLN B 92 -16.44 -18.55 -33.66
C GLN B 92 -17.49 -18.16 -34.70
N THR B 93 -18.74 -17.91 -34.31
CA THR B 93 -19.86 -17.50 -35.21
C THR B 93 -20.09 -15.98 -35.14
N ASP B 94 -19.14 -15.23 -34.56
CA ASP B 94 -19.23 -13.77 -34.25
C ASP B 94 -20.63 -13.37 -33.79
N SER B 95 -21.21 -14.06 -32.82
CA SER B 95 -22.53 -13.69 -32.24
C SER B 95 -22.38 -13.48 -30.72
N LEU B 96 -21.24 -12.97 -30.27
CA LEU B 96 -21.07 -12.52 -28.87
C LEU B 96 -22.00 -11.34 -28.64
N PRO B 97 -22.56 -11.17 -27.42
CA PRO B 97 -23.48 -10.08 -27.12
C PRO B 97 -22.73 -8.73 -27.11
N ASP B 98 -23.46 -7.63 -27.03
CA ASP B 98 -22.85 -6.28 -26.91
C ASP B 98 -21.92 -6.25 -25.67
N ILE B 99 -22.48 -6.64 -24.54
CA ILE B 99 -21.80 -6.69 -23.21
C ILE B 99 -21.74 -8.14 -22.75
N LEU B 100 -20.53 -8.64 -22.53
CA LEU B 100 -20.30 -10.00 -22.01
C LEU B 100 -19.71 -9.84 -20.60
N ALA B 101 -20.46 -10.29 -19.60
CA ALA B 101 -20.01 -10.43 -18.21
C ALA B 101 -19.47 -11.86 -18.03
N GLY B 102 -18.28 -11.98 -17.44
CA GLY B 102 -17.68 -13.28 -17.14
C GLY B 102 -17.09 -13.31 -15.76
N ASP B 103 -17.13 -14.50 -15.18
CA ASP B 103 -16.37 -14.82 -13.93
C ASP B 103 -14.97 -14.19 -14.07
N VAL B 104 -14.60 -13.37 -13.09
CA VAL B 104 -13.29 -12.69 -13.06
C VAL B 104 -12.15 -13.70 -13.25
N VAL B 105 -12.31 -14.97 -12.86
CA VAL B 105 -11.19 -15.96 -13.01
C VAL B 105 -11.11 -16.41 -14.47
N ARG B 106 -12.15 -16.18 -15.26
CA ARG B 106 -12.24 -16.63 -16.67
C ARG B 106 -11.73 -15.53 -17.61
N ILE B 107 -11.83 -14.28 -17.18
CA ILE B 107 -11.59 -13.08 -18.03
C ILE B 107 -10.17 -13.06 -18.59
N PRO B 108 -9.10 -13.33 -17.80
CA PRO B 108 -7.75 -13.31 -18.33
C PRO B 108 -7.62 -14.08 -19.64
N TYR B 109 -8.17 -15.30 -19.69
CA TYR B 109 -8.11 -16.18 -20.89
C TYR B 109 -8.91 -15.56 -22.04
N TRP B 110 -10.15 -15.17 -21.73
CA TRP B 110 -11.07 -14.52 -22.73
C TRP B 110 -10.42 -13.24 -23.31
N ALA B 111 -9.86 -12.40 -22.43
CA ALA B 111 -9.22 -11.13 -22.85
C ALA B 111 -8.03 -11.44 -23.77
N SER B 112 -7.22 -12.44 -23.42
CA SER B 112 -5.98 -12.78 -24.16
C SER B 112 -6.36 -13.33 -25.54
N GLU B 113 -7.60 -13.82 -25.71
CA GLU B 113 -8.02 -14.47 -26.98
C GLU B 113 -8.93 -13.55 -27.82
N GLY B 114 -8.98 -12.26 -27.51
CA GLY B 114 -9.60 -11.22 -28.36
C GLY B 114 -11.12 -11.18 -28.23
N ILE B 115 -11.70 -11.73 -27.16
CA ILE B 115 -13.17 -11.80 -26.95
C ILE B 115 -13.72 -10.38 -26.85
N PHE B 116 -12.95 -9.45 -26.27
CA PHE B 116 -13.41 -8.09 -25.89
C PHE B 116 -12.79 -7.03 -26.80
N THR B 117 -13.54 -5.96 -27.02
CA THR B 117 -13.05 -4.69 -27.60
C THR B 117 -12.12 -4.03 -26.58
N ASP B 118 -10.96 -3.57 -27.03
CA ASP B 118 -10.01 -2.72 -26.26
C ASP B 118 -10.76 -1.46 -25.84
N ILE B 119 -10.94 -1.24 -24.53
CA ILE B 119 -11.60 -0.02 -23.98
C ILE B 119 -10.64 0.69 -23.01
N THR B 120 -9.33 0.56 -23.24
CA THR B 120 -8.27 1.17 -22.38
C THR B 120 -8.52 2.67 -22.19
N LYS B 121 -8.79 3.37 -23.28
CA LYS B 121 -8.97 4.85 -23.31
C LYS B 121 -10.29 5.19 -22.57
N GLN B 122 -11.36 4.41 -22.78
CA GLN B 122 -12.67 4.68 -22.12
C GLN B 122 -12.52 4.46 -20.61
N ILE B 123 -11.89 3.34 -20.20
CA ILE B 123 -11.71 3.02 -18.75
C ILE B 123 -10.78 4.05 -18.10
N ASP B 124 -9.73 4.44 -18.81
CA ASP B 124 -8.69 5.40 -18.31
C ASP B 124 -9.30 6.80 -18.21
N GLY B 125 -10.33 7.10 -19.00
CA GLY B 125 -11.14 8.34 -18.94
C GLY B 125 -12.10 8.41 -17.77
N LEU B 126 -12.33 7.32 -17.02
CA LEU B 126 -13.31 7.33 -15.89
C LEU B 126 -12.76 8.19 -14.75
N ASP B 127 -13.50 9.22 -14.33
CA ASP B 127 -13.06 10.14 -13.26
C ASP B 127 -12.96 9.39 -11.90
N ASN B 128 -13.66 8.26 -11.73
CA ASN B 128 -13.65 7.50 -10.45
C ASN B 128 -12.99 6.13 -10.63
N LYS B 129 -12.12 5.94 -11.63
CA LYS B 129 -11.45 4.64 -11.90
C LYS B 129 -10.83 4.06 -10.60
N ALA B 130 -10.30 4.91 -9.73
CA ALA B 130 -9.59 4.52 -8.49
C ALA B 130 -10.57 3.88 -7.47
N ASP B 131 -11.85 4.22 -7.57
CA ASP B 131 -12.91 3.74 -6.65
C ASP B 131 -13.41 2.33 -7.02
N LEU B 132 -13.03 1.79 -8.18
CA LEU B 132 -13.67 0.57 -8.77
C LEU B 132 -12.87 -0.67 -8.37
N GLN B 133 -13.54 -1.80 -8.06
CA GLN B 133 -12.85 -3.02 -7.53
C GLN B 133 -11.76 -3.40 -8.53
N GLN B 134 -10.50 -3.26 -8.11
CA GLN B 134 -9.34 -3.26 -9.04
C GLN B 134 -9.15 -4.67 -9.59
N GLY B 135 -9.53 -5.70 -8.83
CA GLY B 135 -9.38 -7.10 -9.29
C GLY B 135 -10.12 -7.33 -10.61
N HIS B 136 -11.27 -6.67 -10.80
CA HIS B 136 -12.13 -6.79 -12.01
C HIS B 136 -11.45 -6.11 -13.21
N ILE B 137 -10.75 -5.01 -12.97
CA ILE B 137 -10.02 -4.25 -14.05
C ILE B 137 -8.73 -5.02 -14.36
N GLU B 138 -8.04 -5.46 -13.32
CA GLU B 138 -6.78 -6.24 -13.45
C GLU B 138 -7.08 -7.53 -14.25
N ALA B 139 -8.20 -8.20 -14.00
CA ALA B 139 -8.52 -9.49 -14.67
C ALA B 139 -8.54 -9.29 -16.20
N GLY B 140 -9.11 -8.17 -16.65
CA GLY B 140 -9.23 -7.85 -18.08
C GLY B 140 -8.06 -6.98 -18.56
N THR B 141 -6.94 -6.93 -17.83
CA THR B 141 -5.73 -6.19 -18.30
C THR B 141 -4.79 -7.22 -18.91
N VAL B 142 -4.60 -7.18 -20.23
CA VAL B 142 -3.61 -8.05 -20.93
C VAL B 142 -2.74 -7.15 -21.80
N ASP B 143 -1.41 -7.24 -21.62
CA ASP B 143 -0.38 -6.57 -22.45
C ASP B 143 -0.66 -5.07 -22.53
N GLY B 144 -0.97 -4.45 -21.40
CA GLY B 144 -1.17 -2.99 -21.25
C GLY B 144 -2.48 -2.50 -21.86
N ALA B 145 -3.37 -3.40 -22.30
CA ALA B 145 -4.74 -3.07 -22.75
C ALA B 145 -5.72 -3.44 -21.63
N GLU B 146 -6.80 -2.68 -21.50
CA GLU B 146 -7.85 -2.97 -20.49
C GLU B 146 -9.16 -3.28 -21.23
N TYR B 147 -9.80 -4.40 -20.89
CA TYR B 147 -11.03 -4.90 -21.58
C TYR B 147 -12.26 -4.88 -20.66
N THR B 148 -12.09 -4.81 -19.33
CA THR B 148 -13.21 -5.10 -18.41
C THR B 148 -13.24 -4.11 -17.23
N LEU B 149 -14.47 -3.90 -16.75
CA LEU B 149 -14.85 -3.21 -15.50
C LEU B 149 -15.61 -4.20 -14.64
N PRO B 150 -15.76 -3.91 -13.33
CA PRO B 150 -16.59 -4.74 -12.47
C PRO B 150 -18.06 -4.66 -12.90
N PHE B 151 -18.75 -5.80 -12.90
CA PHE B 151 -20.20 -5.87 -13.15
C PHE B 151 -20.94 -6.15 -11.83
N ILE B 152 -20.69 -7.32 -11.26
CA ILE B 152 -21.26 -7.73 -9.95
C ILE B 152 -20.14 -8.33 -9.11
N THR B 153 -19.92 -7.77 -7.93
CA THR B 153 -18.95 -8.30 -6.94
C THR B 153 -19.56 -9.55 -6.28
N ASP B 154 -18.81 -10.66 -6.24
CA ASP B 154 -19.23 -11.87 -5.50
C ASP B 154 -18.08 -12.22 -4.56
N VAL B 155 -18.26 -12.07 -3.25
CA VAL B 155 -17.20 -12.44 -2.24
C VAL B 155 -17.72 -13.57 -1.36
N SER B 156 -16.80 -14.43 -0.94
CA SER B 156 -17.07 -15.57 -0.05
C SER B 156 -16.97 -15.10 1.40
N VAL B 157 -17.98 -15.49 2.18
CA VAL B 157 -18.11 -15.19 3.62
C VAL B 157 -18.57 -16.46 4.32
N MET B 158 -18.40 -16.49 5.63
CA MET B 158 -18.86 -17.64 6.46
C MET B 158 -20.26 -17.31 6.92
N VAL B 159 -21.19 -18.23 6.73
CA VAL B 159 -22.57 -18.10 7.22
C VAL B 159 -22.75 -19.20 8.24
N TRP B 160 -23.54 -18.95 9.28
CA TRP B 160 -23.96 -20.06 10.16
C TRP B 160 -25.44 -19.93 10.50
N ASN B 161 -26.04 -21.08 10.81
CA ASN B 161 -27.46 -21.23 11.16
C ASN B 161 -27.56 -21.01 12.67
N LYS B 162 -28.08 -19.87 13.10
CA LYS B 162 -28.07 -19.54 14.55
C LYS B 162 -28.94 -20.53 15.32
N ASN B 163 -29.99 -21.04 14.68
CA ASN B 163 -30.98 -21.95 15.31
C ASN B 163 -30.29 -23.30 15.60
N LEU B 164 -29.52 -23.80 14.63
CA LEU B 164 -28.79 -25.08 14.85
C LEU B 164 -27.71 -24.88 15.92
N TYR B 165 -27.07 -23.71 15.93
CA TYR B 165 -26.02 -23.43 16.96
C TYR B 165 -26.68 -23.53 18.34
N LYS B 166 -27.77 -22.79 18.53
CA LYS B 166 -28.57 -22.77 19.79
C LYS B 166 -28.85 -24.23 20.20
N GLU B 167 -29.45 -25.02 19.31
CA GLU B 167 -29.81 -26.43 19.63
C GLU B 167 -28.57 -27.26 19.95
N ALA B 168 -27.43 -26.98 19.30
CA ALA B 168 -26.20 -27.77 19.48
C ALA B 168 -25.46 -27.34 20.74
N GLY B 169 -25.98 -26.30 21.42
CA GLY B 169 -25.41 -25.73 22.66
C GLY B 169 -24.20 -24.87 22.37
N LEU B 170 -24.11 -24.27 21.17
CA LEU B 170 -23.08 -23.27 20.80
C LEU B 170 -23.65 -21.89 21.13
N ASP B 171 -22.78 -20.90 21.36
CA ASP B 171 -23.16 -19.46 21.38
C ASP B 171 -23.57 -19.05 19.97
N PRO B 172 -24.89 -18.80 19.73
CA PRO B 172 -25.39 -18.53 18.40
C PRO B 172 -24.78 -17.26 17.79
N GLU B 173 -24.16 -16.41 18.60
CA GLU B 173 -23.61 -15.10 18.16
C GLU B 173 -22.15 -15.25 17.74
N GLN B 174 -21.49 -16.35 18.09
CA GLN B 174 -20.02 -16.52 17.89
C GLN B 174 -19.75 -17.41 16.67
N GLY B 175 -19.45 -16.78 15.55
CA GLY B 175 -18.94 -17.41 14.32
C GLY B 175 -17.50 -17.88 14.52
N PRO B 176 -16.99 -18.73 13.62
CA PRO B 176 -15.61 -19.21 13.74
C PRO B 176 -14.57 -18.12 13.47
N LYS B 177 -13.54 -18.04 14.33
CA LYS B 177 -12.40 -17.10 14.13
C LYS B 177 -11.15 -17.86 13.66
N SER B 178 -11.28 -19.15 13.36
CA SER B 178 -10.18 -19.97 12.81
C SER B 178 -10.78 -21.21 12.17
N ILE B 179 -10.02 -21.89 11.31
CA ILE B 179 -10.43 -23.20 10.72
C ILE B 179 -10.74 -24.21 11.84
N ASP B 180 -9.97 -24.26 12.93
CA ASP B 180 -10.25 -25.23 14.05
C ASP B 180 -11.56 -24.89 14.74
N GLN B 181 -11.87 -23.60 14.95
CA GLN B 181 -13.17 -23.21 15.54
C GLN B 181 -14.31 -23.56 14.58
N PHE B 182 -14.10 -23.41 13.28
CA PHE B 182 -15.07 -23.81 12.23
C PHE B 182 -15.32 -25.32 12.35
N VAL B 183 -14.25 -26.10 12.54
CA VAL B 183 -14.39 -27.59 12.67
C VAL B 183 -15.16 -27.91 13.96
N GLU B 184 -14.77 -27.32 15.08
CA GLU B 184 -15.42 -27.57 16.40
C GLU B 184 -16.91 -27.21 16.30
N GLN B 185 -17.27 -26.08 15.68
CA GLN B 185 -18.68 -25.63 15.54
C GLN B 185 -19.46 -26.63 14.67
N ALA B 186 -18.87 -27.04 13.55
CA ALA B 186 -19.51 -27.99 12.61
C ALA B 186 -19.71 -29.34 13.32
N LYS B 187 -18.69 -29.83 14.05
CA LYS B 187 -18.77 -31.13 14.76
C LYS B 187 -19.87 -31.06 15.84
N LYS B 188 -20.03 -29.91 16.52
CA LYS B 188 -21.13 -29.73 17.50
C LYS B 188 -22.50 -29.82 16.83
N VAL B 189 -22.66 -29.22 15.65
CA VAL B 189 -23.96 -29.31 14.92
C VAL B 189 -24.12 -30.75 14.43
N ALA B 190 -23.05 -31.36 13.90
CA ALA B 190 -23.12 -32.72 13.32
C ALA B 190 -23.63 -33.67 14.42
N ALA B 191 -23.20 -33.44 15.66
CA ALA B 191 -23.50 -34.28 16.85
C ALA B 191 -24.98 -34.19 17.25
N LEU B 192 -25.78 -33.32 16.65
CA LEU B 192 -27.25 -33.25 16.87
C LEU B 192 -27.89 -34.55 16.38
N ASN B 193 -27.28 -35.18 15.37
CA ASN B 193 -27.82 -36.42 14.75
C ASN B 193 -29.29 -36.26 14.36
N LYS B 194 -29.61 -35.18 13.66
CA LYS B 194 -31.00 -34.88 13.23
C LYS B 194 -31.06 -35.17 11.74
N ASP B 195 -32.15 -35.82 11.30
CA ASP B 195 -32.37 -36.20 9.89
C ASP B 195 -32.02 -35.03 8.98
N GLY B 196 -31.09 -35.23 8.04
CA GLY B 196 -30.72 -34.23 7.02
C GLY B 196 -29.89 -33.08 7.56
N VAL B 197 -29.51 -33.07 8.85
CA VAL B 197 -28.70 -31.96 9.41
C VAL B 197 -27.23 -32.40 9.41
N ALA B 198 -26.34 -31.53 8.93
CA ALA B 198 -24.88 -31.76 8.89
C ALA B 198 -24.17 -30.50 9.37
N GLY B 199 -22.98 -30.67 9.95
CA GLY B 199 -22.14 -29.55 10.44
C GLY B 199 -21.78 -28.59 9.33
N SER B 200 -21.27 -29.09 8.21
CA SER B 200 -20.89 -28.23 7.06
C SER B 200 -21.26 -28.90 5.76
N TYR B 201 -20.77 -28.32 4.66
CA TYR B 201 -20.97 -28.83 3.29
C TYR B 201 -19.75 -28.41 2.49
N LEU B 202 -19.37 -29.26 1.55
CA LEU B 202 -18.23 -29.00 0.67
C LEU B 202 -18.67 -29.28 -0.76
N ALA B 203 -18.37 -28.36 -1.67
CA ALA B 203 -18.86 -28.49 -3.07
C ALA B 203 -17.88 -29.40 -3.83
N GLY B 204 -17.95 -30.72 -3.59
CA GLY B 204 -16.86 -31.67 -3.89
C GLY B 204 -16.50 -31.75 -5.38
N GLN B 205 -17.43 -31.51 -6.30
CA GLN B 205 -17.11 -31.53 -7.77
C GLN B 205 -17.30 -30.16 -8.44
N SER B 206 -17.18 -29.08 -7.68
CA SER B 206 -17.18 -27.71 -8.24
C SER B 206 -15.84 -27.05 -7.92
N GLY B 207 -14.84 -27.17 -8.80
CA GLY B 207 -13.51 -26.54 -8.60
C GLY B 207 -13.67 -25.06 -8.30
N GLY B 208 -14.65 -24.41 -8.94
CA GLY B 208 -14.97 -22.99 -8.78
C GLY B 208 -15.43 -22.67 -7.38
N ALA B 209 -16.41 -23.42 -6.88
CA ALA B 209 -16.95 -23.25 -5.51
C ALA B 209 -15.82 -23.54 -4.52
N LEU B 210 -15.02 -24.56 -4.81
CA LEU B 210 -13.87 -24.92 -3.95
C LEU B 210 -12.84 -23.79 -3.87
N VAL B 211 -12.42 -23.12 -4.95
CA VAL B 211 -11.41 -22.02 -4.83
C VAL B 211 -12.07 -20.87 -4.06
N PHE B 212 -13.33 -20.59 -4.36
CA PHE B 212 -14.11 -19.49 -3.73
C PHE B 212 -14.11 -19.67 -2.21
N ASP B 213 -14.37 -20.90 -1.78
CA ASP B 213 -14.64 -21.31 -0.37
C ASP B 213 -13.34 -21.56 0.41
N LEU B 214 -12.30 -22.10 -0.24
CA LEU B 214 -11.05 -22.59 0.40
C LEU B 214 -9.88 -21.62 0.25
N PHE B 215 -9.71 -20.92 -0.89
CA PHE B 215 -8.55 -20.00 -1.10
C PHE B 215 -8.48 -18.96 0.01
N PRO B 216 -9.60 -18.35 0.47
CA PRO B 216 -9.49 -17.30 1.48
C PRO B 216 -8.81 -17.73 2.77
N SER B 217 -8.98 -18.98 3.21
CA SER B 217 -8.36 -19.43 4.48
C SER B 217 -6.83 -19.46 4.31
N VAL B 218 -6.34 -19.72 3.08
CA VAL B 218 -4.90 -19.74 2.72
C VAL B 218 -4.35 -18.32 2.68
N TRP B 219 -5.01 -17.41 1.95
CA TRP B 219 -4.62 -15.99 1.86
C TRP B 219 -4.69 -15.34 3.25
N ALA B 220 -5.71 -15.67 4.05
CA ALA B 220 -5.87 -15.15 5.42
C ALA B 220 -4.56 -15.36 6.18
N ASP B 221 -3.94 -16.52 6.02
CA ASP B 221 -2.68 -16.89 6.73
C ASP B 221 -1.43 -16.29 6.06
N GLY B 222 -1.56 -15.63 4.93
CA GLY B 222 -0.41 -14.99 4.27
C GLY B 222 0.33 -15.96 3.39
N GLU B 223 -0.30 -17.08 3.05
CA GLU B 223 0.18 -18.03 2.03
C GLU B 223 -0.43 -17.67 0.68
N SER B 224 0.23 -18.09 -0.39
CA SER B 224 -0.18 -17.93 -1.80
C SER B 224 -0.81 -19.25 -2.28
N VAL B 225 -1.64 -19.19 -3.32
CA VAL B 225 -2.16 -20.41 -4.01
C VAL B 225 -1.47 -20.56 -5.37
N MET B 226 -0.95 -19.46 -5.93
CA MET B 226 -0.20 -19.46 -7.20
C MET B 226 1.01 -18.53 -7.04
N ASN B 227 2.00 -18.69 -7.93
CA ASN B 227 3.06 -17.66 -8.10
C ASN B 227 2.42 -16.42 -8.75
N LYS B 228 3.19 -15.36 -8.84
CA LYS B 228 2.75 -14.00 -9.30
C LYS B 228 2.03 -14.05 -10.67
N ASP B 229 2.55 -14.75 -11.68
CA ASP B 229 1.99 -14.70 -13.06
C ASP B 229 1.03 -15.87 -13.31
N GLY B 230 0.61 -16.57 -12.26
CA GLY B 230 -0.37 -17.68 -12.36
C GLY B 230 0.09 -18.78 -13.30
N SER B 231 1.36 -19.14 -13.27
CA SER B 231 1.92 -20.21 -14.12
C SER B 231 2.32 -21.41 -13.25
N GLU B 232 2.11 -21.31 -11.93
CA GLU B 232 2.52 -22.36 -10.98
C GLU B 232 1.64 -22.30 -9.72
N ALA B 233 1.21 -23.45 -9.25
CA ALA B 233 0.40 -23.65 -8.03
C ALA B 233 1.33 -23.75 -6.82
N THR B 234 0.93 -23.13 -5.70
CA THR B 234 1.71 -23.18 -4.45
C THR B 234 0.81 -23.74 -3.34
N LEU B 235 0.04 -24.78 -3.64
CA LEU B 235 -1.01 -25.31 -2.72
C LEU B 235 -0.42 -26.26 -1.67
N ASP B 236 0.82 -26.69 -1.85
CA ASP B 236 1.51 -27.58 -0.89
C ASP B 236 2.08 -26.72 0.24
N ASN B 237 1.23 -26.10 1.02
CA ASN B 237 1.65 -25.19 2.12
C ASN B 237 0.78 -25.57 3.32
N ASP B 238 1.25 -25.27 4.52
CA ASP B 238 0.67 -25.73 5.80
C ASP B 238 -0.76 -25.18 6.00
N SER B 239 -1.08 -24.01 5.46
CA SER B 239 -2.45 -23.44 5.56
C SER B 239 -3.39 -24.26 4.72
N MET B 240 -3.06 -24.50 3.44
CA MET B 240 -3.87 -25.42 2.61
C MET B 240 -4.00 -26.80 3.28
N LYS B 241 -2.90 -27.37 3.80
CA LYS B 241 -2.97 -28.67 4.50
C LYS B 241 -3.99 -28.59 5.63
N GLY B 242 -3.99 -27.50 6.39
CA GLY B 242 -4.88 -27.39 7.56
C GLY B 242 -6.31 -27.33 7.08
N VAL B 243 -6.57 -26.59 5.99
CA VAL B 243 -7.93 -26.42 5.42
C VAL B 243 -8.43 -27.79 4.93
N LEU B 244 -7.65 -28.47 4.12
CA LEU B 244 -8.04 -29.81 3.59
C LEU B 244 -8.25 -30.80 4.76
N ASP B 245 -7.37 -30.76 5.76
CA ASP B 245 -7.45 -31.65 6.97
C ASP B 245 -8.72 -31.30 7.77
N ALA B 246 -9.12 -30.03 7.84
CA ALA B 246 -10.39 -29.64 8.50
C ALA B 246 -11.55 -30.39 7.83
N TYR B 247 -11.61 -30.33 6.49
CA TYR B 247 -12.74 -30.90 5.72
C TYR B 247 -12.65 -32.42 5.77
N LYS B 248 -11.42 -32.95 5.75
CA LYS B 248 -11.21 -34.39 5.95
C LYS B 248 -11.80 -34.87 7.28
N GLU B 249 -11.54 -34.16 8.37
CA GLU B 249 -12.08 -34.52 9.72
C GLU B 249 -13.61 -34.54 9.67
N LEU B 250 -14.22 -33.52 9.05
CA LEU B 250 -15.69 -33.48 8.90
C LEU B 250 -16.18 -34.61 7.97
N ALA B 251 -15.42 -34.96 6.92
CA ALA B 251 -15.79 -36.09 6.02
C ALA B 251 -15.84 -37.37 6.88
N ASN B 252 -14.97 -37.46 7.87
CA ASN B 252 -14.80 -38.65 8.75
C ASN B 252 -15.65 -38.51 10.02
N THR B 253 -16.58 -37.55 10.07
CA THR B 253 -17.50 -37.31 11.22
C THR B 253 -18.90 -37.69 10.77
N THR B 254 -19.65 -38.38 11.63
CA THR B 254 -21.05 -38.69 11.30
C THR B 254 -21.82 -37.36 11.17
N ASN B 255 -22.43 -37.15 10.01
CA ASN B 255 -23.22 -35.94 9.69
C ASN B 255 -22.30 -34.70 9.68
N GLY B 256 -21.00 -34.89 9.38
CA GLY B 256 -20.03 -33.77 9.36
C GLY B 256 -20.24 -32.91 8.12
N LEU B 257 -20.33 -33.54 6.95
CA LEU B 257 -20.60 -32.87 5.66
C LEU B 257 -21.98 -33.32 5.13
N GLY B 258 -22.79 -32.37 4.68
CA GLY B 258 -24.10 -32.63 4.08
C GLY B 258 -24.02 -33.70 2.98
N ALA B 259 -25.00 -34.59 2.98
CA ALA B 259 -25.29 -35.55 1.89
C ALA B 259 -25.36 -34.73 0.61
N GLY B 260 -24.58 -35.12 -0.41
CA GLY B 260 -24.50 -34.42 -1.71
C GLY B 260 -23.15 -33.72 -1.90
N SER B 261 -22.42 -33.49 -0.82
CA SER B 261 -21.07 -32.85 -0.83
C SER B 261 -20.18 -33.58 -1.84
N LYS B 262 -20.08 -34.91 -1.74
CA LYS B 262 -19.12 -35.69 -2.55
C LYS B 262 -19.43 -35.48 -4.04
N GLU B 263 -20.71 -35.35 -4.41
CA GLU B 263 -21.19 -35.35 -5.81
C GLU B 263 -21.53 -33.93 -6.28
N GLU B 264 -21.46 -32.94 -5.39
CA GLU B 264 -21.97 -31.56 -5.67
C GLU B 264 -21.25 -30.98 -6.91
N THR B 265 -22.00 -30.61 -7.95
CA THR B 265 -21.40 -30.16 -9.24
C THR B 265 -21.22 -28.65 -9.26
N GLY B 266 -21.84 -27.95 -8.32
CA GLY B 266 -21.92 -26.48 -8.34
C GLY B 266 -23.36 -26.01 -8.55
N ALA B 267 -24.21 -26.83 -9.17
CA ALA B 267 -25.61 -26.47 -9.49
C ALA B 267 -26.43 -26.25 -8.19
N THR B 268 -26.06 -26.89 -7.08
CA THR B 268 -26.93 -26.93 -5.87
C THR B 268 -26.18 -26.49 -4.61
N TRP B 269 -24.94 -26.02 -4.68
CA TRP B 269 -24.08 -26.00 -3.46
C TRP B 269 -24.55 -24.98 -2.43
N THR B 270 -25.39 -24.01 -2.80
CA THR B 270 -25.94 -22.97 -1.88
C THR B 270 -27.30 -23.40 -1.31
N ALA B 271 -27.91 -24.48 -1.82
CA ALA B 271 -29.26 -24.92 -1.39
C ALA B 271 -29.25 -25.47 0.04
N PRO B 272 -28.38 -26.45 0.41
CA PRO B 272 -28.49 -27.08 1.73
C PRO B 272 -28.50 -26.09 2.91
N PHE B 273 -27.65 -25.07 2.87
CA PHE B 273 -27.60 -24.04 3.94
C PHE B 273 -28.91 -23.23 3.93
N ALA B 274 -29.34 -22.78 2.75
CA ALA B 274 -30.57 -21.95 2.61
C ALA B 274 -31.76 -22.79 3.10
N ASN B 275 -31.70 -24.11 2.94
CA ASN B 275 -32.81 -25.01 3.36
C ASN B 275 -32.75 -25.33 4.87
N GLY B 276 -31.83 -24.72 5.63
CA GLY B 276 -31.74 -24.87 7.11
C GLY B 276 -31.08 -26.16 7.55
N LYS B 277 -30.28 -26.80 6.70
CA LYS B 277 -29.80 -28.20 6.88
C LYS B 277 -28.32 -28.23 7.28
N ILE B 278 -27.66 -27.07 7.29
CA ILE B 278 -26.18 -26.98 7.43
C ILE B 278 -25.87 -25.96 8.53
N GLY B 279 -25.01 -26.37 9.46
CA GLY B 279 -24.60 -25.55 10.61
C GLY B 279 -23.81 -24.35 10.17
N VAL B 280 -22.75 -24.54 9.37
CA VAL B 280 -21.77 -23.44 9.09
C VAL B 280 -21.00 -23.77 7.82
N MET B 281 -20.84 -22.79 6.92
CA MET B 281 -20.07 -23.00 5.67
C MET B 281 -19.77 -21.69 4.98
N PRO B 282 -18.67 -21.64 4.21
CA PRO B 282 -18.45 -20.54 3.27
C PRO B 282 -19.62 -20.38 2.30
N TYR B 283 -19.81 -19.19 1.77
CA TYR B 283 -21.04 -18.85 1.03
C TYR B 283 -20.82 -17.61 0.21
N PRO B 284 -21.54 -17.45 -0.91
CA PRO B 284 -21.45 -16.22 -1.70
C PRO B 284 -22.27 -15.10 -1.06
N ASN B 285 -21.72 -13.89 -1.02
CA ASN B 285 -22.48 -12.70 -0.52
C ASN B 285 -23.71 -12.50 -1.40
N THR B 286 -23.63 -12.88 -2.68
CA THR B 286 -24.71 -12.68 -3.67
C THR B 286 -25.88 -13.63 -3.41
N SER B 287 -25.72 -14.62 -2.54
CA SER B 287 -26.83 -15.51 -2.14
C SER B 287 -27.30 -15.18 -0.71
N THR B 288 -26.76 -14.14 -0.05
CA THR B 288 -27.08 -13.87 1.39
C THR B 288 -28.32 -12.98 1.56
N THR B 289 -28.66 -12.08 0.64
CA THR B 289 -29.95 -11.34 0.72
C THR B 289 -31.13 -12.34 0.71
N ALA B 290 -31.05 -13.42 -0.07
CA ALA B 290 -32.06 -14.50 -0.06
C ALA B 290 -32.19 -15.07 1.37
N LEU B 291 -31.07 -15.33 2.04
CA LEU B 291 -31.09 -15.88 3.43
C LEU B 291 -31.77 -14.87 4.37
N PHE B 292 -31.40 -13.59 4.27
CA PHE B 292 -31.90 -12.51 5.15
C PHE B 292 -33.42 -12.35 4.94
N ASP B 293 -33.88 -12.44 3.68
CA ASP B 293 -35.32 -12.43 3.32
C ASP B 293 -36.05 -13.60 3.98
N ALA B 294 -35.54 -14.83 3.82
CA ALA B 294 -36.16 -16.03 4.42
C ALA B 294 -36.23 -15.87 5.95
N GLU B 295 -35.23 -15.19 6.53
CA GLU B 295 -35.19 -14.92 8.00
C GLU B 295 -36.26 -13.87 8.35
N LYS B 296 -36.37 -12.78 7.59
CA LYS B 296 -37.44 -11.77 7.82
C LYS B 296 -38.81 -12.44 7.72
N ASP B 297 -38.91 -13.51 6.91
CA ASP B 297 -40.15 -14.28 6.64
C ASP B 297 -40.51 -15.21 7.81
N GLY B 298 -39.66 -15.34 8.83
CA GLY B 298 -39.87 -16.23 9.98
C GLY B 298 -38.98 -17.48 9.98
N GLY B 299 -38.02 -17.59 9.06
CA GLY B 299 -37.10 -18.75 9.00
C GLY B 299 -35.98 -18.68 10.05
N PHE B 300 -34.97 -19.52 9.90
CA PHE B 300 -33.81 -19.55 10.83
C PHE B 300 -33.01 -18.24 10.68
N GLU B 301 -32.32 -17.87 11.75
CA GLU B 301 -31.47 -16.67 11.83
C GLU B 301 -30.06 -17.03 11.35
N VAL B 302 -29.49 -16.12 10.57
CA VAL B 302 -28.20 -16.28 9.86
C VAL B 302 -27.16 -15.42 10.57
N GLY B 303 -26.04 -16.04 10.95
CA GLY B 303 -24.81 -15.30 11.28
C GLY B 303 -23.92 -15.18 10.07
N VAL B 304 -23.12 -14.11 10.01
CA VAL B 304 -22.15 -13.86 8.92
C VAL B 304 -20.85 -13.37 9.57
N ALA B 305 -19.71 -13.92 9.16
CA ALA B 305 -18.39 -13.42 9.58
C ALA B 305 -17.42 -13.66 8.42
N PRO B 306 -16.26 -12.96 8.38
CA PRO B 306 -15.29 -13.25 7.32
C PRO B 306 -14.80 -14.70 7.50
N ILE B 307 -14.41 -15.31 6.39
CA ILE B 307 -13.74 -16.63 6.38
C ILE B 307 -12.38 -16.50 7.06
N PRO B 308 -12.13 -17.30 8.10
CA PRO B 308 -10.86 -17.20 8.82
C PRO B 308 -9.76 -18.08 8.22
N GLY B 309 -8.52 -17.73 8.55
CA GLY B 309 -7.39 -18.64 8.34
C GLY B 309 -7.34 -19.76 9.36
N THR B 310 -6.29 -20.55 9.22
CA THR B 310 -5.76 -21.50 10.22
C THR B 310 -5.37 -20.67 11.47
N LYS B 311 -4.90 -19.45 11.25
CA LYS B 311 -4.41 -18.57 12.35
C LYS B 311 -5.56 -17.69 12.86
N GLU B 312 -5.87 -17.83 14.15
CA GLU B 312 -7.02 -17.19 14.80
C GLU B 312 -6.97 -15.69 14.58
N GLY B 313 -8.09 -15.10 14.18
CA GLY B 313 -8.23 -13.65 13.97
C GLY B 313 -7.73 -13.19 12.61
N LYS B 314 -7.10 -14.05 11.80
CA LYS B 314 -6.75 -13.66 10.41
C LYS B 314 -7.94 -14.01 9.49
N THR B 315 -8.34 -13.07 8.64
CA THR B 315 -9.47 -13.27 7.70
C THR B 315 -9.07 -12.81 6.30
N SER B 316 -9.85 -13.26 5.33
CA SER B 316 -9.66 -12.90 3.90
C SER B 316 -10.95 -13.25 3.17
N THR B 317 -10.95 -13.10 1.85
CA THR B 317 -12.11 -13.46 1.01
C THR B 317 -11.60 -13.72 -0.38
N PHE B 318 -12.44 -14.32 -1.20
CA PHE B 318 -12.21 -14.45 -2.65
C PHE B 318 -12.91 -13.29 -3.33
N LEU B 319 -12.15 -12.37 -3.93
CA LEU B 319 -12.72 -11.17 -4.58
C LEU B 319 -13.15 -11.60 -5.98
N GLY B 320 -14.39 -12.09 -6.06
CA GLY B 320 -14.92 -12.76 -7.24
C GLY B 320 -16.09 -12.03 -7.84
N GLY B 321 -16.95 -12.78 -8.55
CA GLY B 321 -18.09 -12.24 -9.30
C GLY B 321 -17.73 -12.07 -10.75
N ASP B 322 -18.47 -11.22 -11.45
CA ASP B 322 -18.34 -11.03 -12.92
C ASP B 322 -17.78 -9.64 -13.19
N ALA B 323 -16.80 -9.58 -14.07
CA ALA B 323 -16.37 -8.37 -14.79
C ALA B 323 -17.11 -8.34 -16.13
N MET B 324 -17.21 -7.17 -16.74
CA MET B 324 -17.93 -7.04 -18.01
C MET B 324 -17.04 -6.29 -19.00
N GLY B 325 -17.16 -6.65 -20.27
CA GLY B 325 -16.59 -5.86 -21.37
C GLY B 325 -17.52 -5.83 -22.56
N ILE B 326 -17.13 -5.04 -23.54
CA ILE B 326 -17.86 -4.91 -24.82
C ILE B 326 -17.20 -5.90 -25.77
N SER B 327 -17.98 -6.85 -26.27
CA SER B 327 -17.46 -7.97 -27.10
C SER B 327 -16.93 -7.41 -28.41
N LYS B 328 -16.10 -8.20 -29.06
CA LYS B 328 -15.48 -7.87 -30.38
C LYS B 328 -16.57 -7.82 -31.46
N ASP B 329 -17.75 -8.39 -31.19
CA ASP B 329 -18.85 -8.46 -32.19
C ASP B 329 -19.87 -7.34 -31.97
N SER B 330 -19.72 -6.49 -30.96
CA SER B 330 -20.70 -5.41 -30.72
C SER B 330 -20.67 -4.46 -31.91
N LYS B 331 -21.85 -4.12 -32.41
CA LYS B 331 -22.04 -3.07 -33.43
C LYS B 331 -22.71 -1.88 -32.74
N HIS B 332 -22.64 -1.81 -31.40
CA HIS B 332 -23.20 -0.69 -30.60
C HIS B 332 -22.23 -0.33 -29.46
N VAL B 333 -20.97 -0.08 -29.79
CA VAL B 333 -19.89 0.16 -28.80
C VAL B 333 -20.28 1.35 -27.92
N ALA B 334 -20.68 2.47 -28.51
CA ALA B 334 -20.94 3.75 -27.77
C ALA B 334 -22.12 3.53 -26.83
N GLN B 335 -23.13 2.80 -27.30
CA GLN B 335 -24.35 2.49 -26.52
C GLN B 335 -24.02 1.55 -25.34
N ALA B 336 -23.21 0.51 -25.60
CA ALA B 336 -22.74 -0.44 -24.56
C ALA B 336 -21.92 0.34 -23.52
N TRP B 337 -21.08 1.27 -23.98
CA TRP B 337 -20.24 2.10 -23.07
C TRP B 337 -21.14 2.95 -22.16
N ASN B 338 -22.30 3.39 -22.64
CA ASN B 338 -23.29 4.14 -21.83
C ASN B 338 -23.65 3.30 -20.60
N PHE B 339 -23.92 2.01 -20.80
CA PHE B 339 -24.21 1.07 -19.69
C PHE B 339 -22.96 0.93 -18.80
N LEU B 340 -21.78 0.65 -19.34
CA LEU B 340 -20.56 0.45 -18.50
C LEU B 340 -20.34 1.71 -17.65
N TYR B 341 -20.41 2.89 -18.27
CA TYR B 341 -20.14 4.18 -17.60
C TYR B 341 -21.17 4.40 -16.49
N TRP B 342 -22.44 4.20 -16.81
CA TRP B 342 -23.56 4.43 -15.87
C TRP B 342 -23.31 3.61 -14.60
N LEU B 343 -23.00 2.32 -14.75
CA LEU B 343 -22.95 1.42 -13.57
C LEU B 343 -21.76 1.80 -12.67
N MET B 344 -20.71 2.43 -13.20
CA MET B 344 -19.52 2.75 -12.35
C MET B 344 -19.84 3.90 -11.39
N GLN B 345 -20.95 4.63 -11.62
CA GLN B 345 -21.22 5.87 -10.85
C GLN B 345 -21.71 5.47 -9.47
N SER B 346 -21.34 6.23 -8.45
CA SER B 346 -21.76 5.94 -7.06
C SER B 346 -23.30 5.89 -6.96
N ASP B 347 -24.03 6.74 -7.69
CA ASP B 347 -25.52 6.76 -7.57
C ASP B 347 -26.11 5.46 -8.16
N ALA B 348 -25.62 4.99 -9.30
CA ALA B 348 -26.07 3.69 -9.87
C ALA B 348 -25.75 2.56 -8.87
N GLN B 349 -24.51 2.53 -8.39
CA GLN B 349 -24.02 1.55 -7.38
C GLN B 349 -24.93 1.56 -6.13
N LYS B 350 -25.32 2.73 -5.62
CA LYS B 350 -26.20 2.85 -4.43
C LYS B 350 -27.59 2.27 -4.77
N GLU B 351 -28.17 2.67 -5.90
CA GLU B 351 -29.53 2.24 -6.31
C GLU B 351 -29.59 0.72 -6.52
N VAL B 352 -28.64 0.16 -7.29
CA VAL B 352 -28.75 -1.24 -7.81
C VAL B 352 -28.18 -2.24 -6.81
N PHE B 353 -27.18 -1.84 -6.02
CA PHE B 353 -26.54 -2.73 -5.01
C PHE B 353 -26.98 -2.35 -3.60
N ALA B 354 -26.48 -1.24 -3.06
CA ALA B 354 -26.65 -0.88 -1.64
C ALA B 354 -28.13 -0.85 -1.22
N ASP B 355 -29.01 -0.20 -1.99
CA ASP B 355 -30.46 -0.08 -1.61
C ASP B 355 -31.17 -1.45 -1.75
N GLN B 356 -30.59 -2.41 -2.47
CA GLN B 356 -31.10 -3.81 -2.55
C GLN B 356 -30.48 -4.72 -1.47
N GLY B 357 -29.60 -4.21 -0.59
CA GLY B 357 -28.96 -5.01 0.46
C GLY B 357 -27.73 -5.75 -0.04
N ASP B 358 -27.23 -5.39 -1.23
CA ASP B 358 -26.11 -6.09 -1.91
C ASP B 358 -24.82 -5.26 -1.84
N THR B 359 -23.69 -5.92 -1.94
CA THR B 359 -22.35 -5.29 -1.92
C THR B 359 -22.06 -4.66 -3.30
N ALA B 360 -21.67 -3.37 -3.31
CA ALA B 360 -21.27 -2.61 -4.53
C ALA B 360 -19.85 -2.99 -4.95
N SER B 361 -19.49 -2.65 -6.18
CA SER B 361 -18.12 -2.79 -6.76
C SER B 361 -17.35 -1.48 -6.61
N ASN B 362 -18.01 -0.44 -6.10
CA ASN B 362 -17.45 0.92 -5.92
C ASN B 362 -17.14 1.12 -4.43
N ILE B 363 -15.85 1.23 -4.09
CA ILE B 363 -15.30 1.35 -2.70
C ILE B 363 -15.94 2.57 -2.02
N GLN B 364 -16.17 3.64 -2.77
CA GLN B 364 -16.78 4.90 -2.28
C GLN B 364 -18.22 4.63 -1.81
N THR B 365 -18.99 3.85 -2.57
CA THR B 365 -20.35 3.39 -2.19
C THR B 365 -20.26 2.53 -0.93
N LEU B 366 -19.32 1.60 -0.89
CA LEU B 366 -19.13 0.69 0.27
C LEU B 366 -18.87 1.49 1.55
N LYS B 367 -18.15 2.61 1.49
CA LYS B 367 -17.82 3.43 2.70
C LYS B 367 -18.86 4.51 2.98
N THR B 368 -19.85 4.74 2.13
CA THR B 368 -20.80 5.88 2.35
C THR B 368 -22.26 5.43 2.39
N ALA B 369 -22.63 4.33 1.72
CA ALA B 369 -24.06 4.06 1.42
C ALA B 369 -24.65 3.00 2.34
N TYR B 370 -23.90 2.50 3.33
CA TYR B 370 -24.32 1.35 4.17
C TYR B 370 -24.31 1.70 5.67
N LYS B 371 -24.36 2.99 6.03
CA LYS B 371 -24.20 3.42 7.44
C LYS B 371 -25.35 2.88 8.31
N ASP B 372 -26.57 2.82 7.77
CA ASP B 372 -27.79 2.33 8.45
C ASP B 372 -28.06 0.84 8.12
N ALA B 373 -27.16 0.17 7.41
CA ALA B 373 -27.41 -1.19 6.85
C ALA B 373 -27.34 -2.23 7.96
N ASP B 374 -28.03 -3.34 7.75
CA ASP B 374 -27.89 -4.60 8.53
C ASP B 374 -26.40 -4.77 8.82
N PRO B 375 -25.98 -4.93 10.09
CA PRO B 375 -24.56 -5.09 10.41
C PRO B 375 -23.89 -6.25 9.65
N ARG B 376 -24.66 -7.28 9.28
CA ARG B 376 -24.13 -8.44 8.52
C ARG B 376 -23.74 -7.98 7.11
N ILE B 377 -24.49 -7.03 6.56
CA ILE B 377 -24.10 -6.38 5.28
C ILE B 377 -22.80 -5.61 5.50
N GLN B 378 -22.69 -4.89 6.60
CA GLN B 378 -21.45 -4.11 6.94
C GLN B 378 -20.28 -5.10 7.07
N THR B 379 -20.51 -6.26 7.65
CA THR B 379 -19.49 -7.33 7.81
C THR B 379 -18.95 -7.76 6.43
N ILE B 380 -19.86 -8.11 5.54
CA ILE B 380 -19.55 -8.48 4.13
C ILE B 380 -18.69 -7.38 3.52
N ASN B 381 -19.12 -6.11 3.64
CA ASN B 381 -18.42 -4.97 3.00
C ASN B 381 -17.02 -4.90 3.58
N SER B 382 -16.87 -5.15 4.89
CA SER B 382 -15.59 -5.08 5.63
C SER B 382 -14.52 -5.98 5.01
N VAL B 383 -14.88 -7.14 4.44
CA VAL B 383 -13.85 -8.07 3.88
C VAL B 383 -13.32 -7.48 2.57
N ILE B 384 -14.07 -6.60 1.91
CA ILE B 384 -13.57 -5.86 0.71
C ILE B 384 -12.74 -4.65 1.19
N ILE B 385 -13.27 -3.88 2.13
CA ILE B 385 -12.62 -2.63 2.65
C ILE B 385 -11.28 -3.01 3.34
N ASP B 386 -11.25 -4.04 4.17
CA ASP B 386 -9.99 -4.41 4.90
C ASP B 386 -8.88 -4.85 3.93
N GLY B 387 -9.22 -5.30 2.72
CA GLY B 387 -8.28 -5.50 1.58
C GLY B 387 -7.42 -6.76 1.64
N ASN B 388 -7.73 -7.77 2.48
CA ASN B 388 -6.85 -8.98 2.52
C ASN B 388 -7.38 -10.08 1.58
N GLY B 389 -8.44 -9.82 0.83
CA GLY B 389 -8.91 -10.72 -0.24
C GLY B 389 -8.01 -10.63 -1.46
N GLN B 390 -8.07 -11.64 -2.32
CA GLN B 390 -7.38 -11.60 -3.64
C GLN B 390 -8.36 -12.00 -4.73
N THR B 391 -8.06 -11.58 -5.95
CA THR B 391 -8.62 -12.09 -7.22
C THR B 391 -7.50 -12.83 -7.89
N PRO B 392 -7.59 -14.17 -8.06
CA PRO B 392 -6.49 -14.90 -8.69
C PRO B 392 -6.56 -14.70 -10.21
N LYS B 393 -5.41 -14.46 -10.82
CA LYS B 393 -5.28 -14.15 -12.27
C LYS B 393 -4.37 -15.18 -12.97
N SER B 394 -4.93 -16.00 -13.84
CA SER B 394 -4.13 -16.89 -14.70
C SER B 394 -4.88 -17.12 -15.99
N PRO B 395 -4.17 -17.05 -17.14
CA PRO B 395 -4.79 -17.44 -18.41
C PRO B 395 -5.28 -18.89 -18.40
N ALA B 396 -4.77 -19.73 -17.49
CA ALA B 396 -5.09 -21.17 -17.42
C ALA B 396 -6.00 -21.49 -16.22
N PHE B 397 -6.63 -20.49 -15.62
CA PHE B 397 -7.40 -20.71 -14.36
C PHE B 397 -8.51 -21.76 -14.55
N ASN B 398 -9.33 -21.65 -15.60
CA ASN B 398 -10.44 -22.62 -15.80
C ASN B 398 -9.89 -24.03 -15.90
N GLU B 399 -8.85 -24.24 -16.69
CA GLU B 399 -8.37 -25.61 -16.97
C GLU B 399 -7.86 -26.22 -15.67
N ALA B 400 -7.22 -25.43 -14.83
CA ALA B 400 -6.50 -25.93 -13.63
C ALA B 400 -7.47 -26.07 -12.45
N PHE B 401 -8.47 -25.17 -12.34
CA PHE B 401 -9.33 -25.06 -11.12
C PHE B 401 -10.80 -25.42 -11.39
N ASN B 402 -11.50 -24.59 -12.17
CA ASN B 402 -12.98 -24.60 -12.29
C ASN B 402 -13.49 -25.81 -13.07
N ALA B 403 -12.75 -26.24 -14.09
CA ALA B 403 -13.17 -27.31 -15.03
C ALA B 403 -13.53 -28.59 -14.28
N ALA B 404 -14.54 -29.32 -14.77
CA ALA B 404 -14.95 -30.65 -14.24
C ALA B 404 -13.74 -31.59 -14.27
N GLY B 405 -13.44 -32.25 -13.15
CA GLY B 405 -12.25 -33.11 -13.00
C GLY B 405 -10.95 -32.34 -13.19
N SER B 406 -10.90 -31.04 -12.90
CA SER B 406 -9.62 -30.28 -12.89
C SER B 406 -8.63 -30.97 -11.95
N PRO B 407 -7.31 -30.74 -12.11
CA PRO B 407 -6.34 -31.27 -11.15
C PRO B 407 -6.57 -30.74 -9.72
N TRP B 408 -7.05 -29.51 -9.58
CA TRP B 408 -7.51 -28.94 -8.28
C TRP B 408 -8.61 -29.80 -7.65
N GLN B 409 -9.66 -30.06 -8.42
CA GLN B 409 -10.82 -30.82 -7.92
C GLN B 409 -10.32 -32.16 -7.38
N LEU B 410 -9.44 -32.82 -8.13
CA LEU B 410 -8.87 -34.15 -7.77
C LEU B 410 -7.99 -34.01 -6.51
N LEU B 411 -7.23 -32.92 -6.39
CA LEU B 411 -6.39 -32.64 -5.20
C LEU B 411 -7.30 -32.62 -3.97
N VAL B 412 -8.42 -31.89 -4.08
CA VAL B 412 -9.38 -31.77 -2.95
C VAL B 412 -10.03 -33.13 -2.67
N GLN B 413 -10.52 -33.80 -3.71
CA GLN B 413 -11.20 -35.12 -3.53
C GLN B 413 -10.25 -36.06 -2.78
N ASN B 414 -8.99 -36.18 -3.24
CA ASN B 414 -7.93 -37.02 -2.62
C ASN B 414 -7.77 -36.66 -1.15
N ALA B 415 -7.60 -35.37 -0.84
CA ALA B 415 -7.27 -34.92 0.53
C ALA B 415 -8.47 -35.15 1.45
N VAL B 416 -9.70 -35.00 0.97
CA VAL B 416 -10.89 -34.95 1.85
C VAL B 416 -11.51 -36.34 1.98
N TRP B 417 -11.76 -37.03 0.87
CA TRP B 417 -12.53 -38.31 0.87
C TRP B 417 -11.66 -39.52 0.55
N GLY B 418 -10.42 -39.31 0.14
CA GLY B 418 -9.57 -40.40 -0.34
C GLY B 418 -8.26 -40.40 0.42
N SER B 419 -7.19 -40.74 -0.29
CA SER B 419 -5.79 -40.52 0.15
C SER B 419 -5.15 -39.56 -0.84
N GLY B 420 -4.36 -38.64 -0.31
CA GLY B 420 -3.79 -37.52 -1.07
C GLY B 420 -2.28 -37.55 -1.05
N ASP B 421 -1.66 -37.09 -2.13
CA ASP B 421 -0.22 -36.72 -2.19
C ASP B 421 -0.25 -35.25 -2.56
N LEU B 422 -0.24 -34.34 -1.58
CA LEU B 422 -0.44 -32.90 -1.87
C LEU B 422 0.70 -32.38 -2.76
N LYS B 423 1.91 -32.89 -2.59
CA LYS B 423 3.03 -32.53 -3.47
C LYS B 423 2.71 -32.93 -4.91
N ALA B 424 2.37 -34.21 -5.18
CA ALA B 424 2.05 -34.67 -6.54
C ALA B 424 0.86 -33.89 -7.08
N ASP B 425 -0.17 -33.70 -6.25
CA ASP B 425 -1.47 -33.13 -6.68
C ASP B 425 -1.26 -31.65 -7.04
N ASN B 426 -0.49 -30.91 -6.24
CA ASN B 426 -0.14 -29.49 -6.53
C ASN B 426 0.60 -29.38 -7.86
N LYS B 427 1.60 -30.24 -8.08
CA LYS B 427 2.38 -30.21 -9.33
C LYS B 427 1.49 -30.55 -10.54
N ALA B 428 0.50 -31.45 -10.44
CA ALA B 428 -0.47 -31.64 -11.55
C ALA B 428 -1.22 -30.32 -11.83
N VAL B 429 -1.53 -29.52 -10.82
CA VAL B 429 -2.21 -28.21 -11.05
C VAL B 429 -1.22 -27.31 -11.82
N THR B 430 0.02 -27.20 -11.36
CA THR B 430 1.06 -26.37 -12.04
C THR B 430 1.30 -26.90 -13.46
N ASP B 431 1.23 -28.20 -13.72
CA ASP B 431 1.42 -28.74 -15.09
C ASP B 431 0.33 -28.18 -16.02
N VAL B 432 -0.88 -27.94 -15.50
CA VAL B 432 -1.95 -27.31 -16.31
C VAL B 432 -1.70 -25.79 -16.43
N LEU B 433 -1.30 -25.11 -15.35
CA LEU B 433 -1.04 -23.65 -15.34
C LEU B 433 0.13 -23.28 -16.26
N SER B 434 1.17 -24.10 -16.31
CA SER B 434 2.44 -23.75 -17.00
C SER B 434 2.40 -24.30 -18.43
N ALA B 435 1.42 -25.14 -18.76
CA ALA B 435 1.43 -25.92 -20.01
C ALA B 435 0.04 -25.88 -20.63
N GLN B 436 -0.37 -24.71 -21.12
CA GLN B 436 0.39 -23.47 -21.04
C GLN B 436 -0.55 -22.33 -20.63
O5 FUB C . 20.62 15.82 14.08
C5 FUB C . 21.94 15.87 13.53
C4 FUB C . 21.49 16.26 12.22
O4 FUB C . 20.15 16.92 12.44
C3 FUB C . 21.19 15.02 11.39
O3 FUB C . 22.29 14.36 10.76
C2 FUB C . 20.35 15.75 10.36
O2 FUB C . 19.53 14.88 9.58
C1 FUB C . 19.72 16.96 11.10
O1 FUB C . 18.33 17.13 11.04
O5 FUB C . 22.04 12.73 8.64
C5 FUB C . 21.92 13.10 7.25
C4 FUB C . 20.63 13.85 6.94
O4 FUB C . 20.55 15.13 7.62
C3 FUB C . 19.39 13.14 7.38
O3 FUB C . 18.93 12.16 6.46
C2 FUB C . 18.43 14.28 7.62
O2 FUB C . 17.31 13.89 8.40
C1 FUB C . 19.31 15.29 8.31
O5 FUB D . -21.36 -21.96 -9.74
C5 FUB D . -20.16 -22.67 -9.44
C4 FUB D . -19.64 -21.71 -8.46
O4 FUB D . -20.74 -20.85 -7.83
C3 FUB D . -18.86 -20.67 -9.24
O3 FUB D . -17.53 -21.04 -9.58
C2 FUB D . -18.69 -19.64 -8.18
O2 FUB D . -18.52 -18.40 -8.36
C1 FUB D . -20.09 -19.65 -7.39
O1 FUB D . -21.03 -18.60 -7.20
O5 FUB D . -15.56 -19.27 -9.97
C5 FUB D . -14.76 -18.61 -9.00
C4 FUB D . -15.55 -17.71 -8.08
O4 FUB D . -16.46 -18.46 -7.27
C3 FUB D . -16.42 -16.67 -8.79
O3 FUB D . -15.69 -15.49 -9.10
C2 FUB D . -17.48 -16.49 -7.74
O2 FUB D . -18.89 -16.21 -8.34
C1 FUB D . -17.74 -17.81 -7.14
#